data_9HD5
#
_entry.id   9HD5
#
_cell.length_a   92.635
_cell.length_b   233.367
_cell.length_c   54.058
_cell.angle_alpha   90.00
_cell.angle_beta   90.00
_cell.angle_gamma   90.00
#
_symmetry.space_group_name_H-M   'P 21 21 2'
#
loop_
_entity.id
_entity.type
_entity.pdbx_description
1 polymer "5'-nucleotidase"
2 non-polymer 'ZINC ION'
3 non-polymer '[[(2~{R},3~{S},4~{R},5~{R})-5-[2-chloranyl-6-[[4-[1-(2-fluoranylethyl)-1,2,3-triazol-4-yl]phenyl]methyl-propyl-amino]purin-9-yl]-3,4-bis(oxidanyl)oxolan-2-yl]methoxy-oxidanyl-phosphoryl]methylphosphonic acid'
4 water water
#
_entity_poly.entity_id   1
_entity_poly.type   'polypeptide(L)'
_entity_poly.pdbx_seq_one_letter_code
;MWELTILHTNDVHSRLEQTSEDSSKCVDASRCMGGVARLFTKVQQIRRAEPNVLLLDAGDQYQGTIWFTVYKGAEVAHFM
NALRYDAMALGNHEFDNGVEGLIEPLLKEAKFPILSANIKAKGPLASQISGLYLPYKVLPVGDEVVGIVGYTSKETPFLS
NPGTNLVFEDEITALQPEVDKLKTLNVNKIIALGHSGFEMDKLIAQKVRGVDVVVGGHSNTFLYTGNPPSKEVPAGKYPF
IVTSDDGRKVPVVQAYAFGKYLGYLKIEFDERGNVISSHGNPILLDSSIPEDPSIKADINKWRIKLDDYSTQELGKTIVY
LDGSSQSCRFRECNMGNLICDAMINNNLRHTDEMFWNHVSMCILNGGGIRSPIDERNDGTITWENLAAVLPFGGTFDLVQ
LKGSTLKKAFEHSVHRYGQSTGEFLQVGGIHVVYDLSRKPGDRVVKLDVLCTKCRVPSYDPLKMDEVYKVILPNFLANGG
DGFQMIKDELLRHDSGDQDINVVSTYISKMKVIYPAVEGRIKFSGGGGAGGGGGTKHHHHHH
;
_entity_poly.pdbx_strand_id   A,B
#
loop_
_chem_comp.id
_chem_comp.type
_chem_comp.name
_chem_comp.formula
A1IT6 non-polymer '[[(2~{R},3~{S},4~{R},5~{R})-5-[2-chloranyl-6-[[4-[1-(2-fluoranylethyl)-1,2,3-triazol-4-yl]phenyl]methyl-propyl-amino]purin-9-yl]-3,4-bis(oxidanyl)oxolan-2-yl]methoxy-oxidanyl-phosphoryl]methylphosphonic acid' 'C25 H32 Cl F N8 O9 P2'
ZN non-polymer 'ZINC ION' 'Zn 2'
#
# COMPACT_ATOMS: atom_id res chain seq x y z
N MET A 1 -35.67 -44.51 -33.63
CA MET A 1 -34.22 -44.29 -33.49
C MET A 1 -33.72 -43.07 -34.32
N TRP A 2 -33.27 -41.97 -33.64
CA TRP A 2 -32.81 -40.75 -34.28
C TRP A 2 -31.58 -40.15 -33.61
N GLU A 3 -30.59 -39.73 -34.41
CA GLU A 3 -29.37 -39.15 -33.85
C GLU A 3 -29.26 -37.66 -34.03
N LEU A 4 -29.27 -36.90 -32.93
CA LEU A 4 -29.11 -35.46 -32.95
C LEU A 4 -27.86 -35.05 -32.15
N THR A 5 -27.04 -34.13 -32.69
CA THR A 5 -25.88 -33.59 -32.00
C THR A 5 -26.17 -32.13 -31.70
N ILE A 6 -26.12 -31.74 -30.42
CA ILE A 6 -26.33 -30.36 -30.03
C ILE A 6 -24.98 -29.78 -29.71
N LEU A 7 -24.63 -28.70 -30.41
CA LEU A 7 -23.42 -27.90 -30.22
C LEU A 7 -23.87 -26.60 -29.56
N HIS A 8 -23.19 -26.19 -28.48
CA HIS A 8 -23.62 -24.99 -27.78
C HIS A 8 -22.52 -24.14 -27.11
N THR A 9 -22.74 -22.82 -27.15
CA THR A 9 -21.94 -21.78 -26.52
C THR A 9 -22.85 -21.00 -25.59
N ASN A 10 -22.34 -20.48 -24.47
CA ASN A 10 -23.12 -19.64 -23.51
C ASN A 10 -22.23 -18.60 -22.84
N ASP A 11 -22.65 -17.32 -22.76
CA ASP A 11 -21.83 -16.33 -22.06
C ASP A 11 -20.50 -16.06 -22.78
N VAL A 12 -20.54 -16.00 -24.11
CA VAL A 12 -19.35 -15.72 -24.90
C VAL A 12 -18.79 -14.32 -24.55
N HIS A 13 -19.67 -13.37 -24.23
CA HIS A 13 -19.35 -12.01 -23.81
C HIS A 13 -18.31 -11.29 -24.68
N SER A 14 -18.59 -11.21 -25.99
CA SER A 14 -17.80 -10.53 -27.01
C SER A 14 -16.37 -11.06 -27.23
N ARG A 15 -16.14 -12.37 -27.08
CA ARG A 15 -14.81 -12.94 -27.34
C ARG A 15 -14.78 -13.47 -28.78
N LEU A 16 -15.06 -12.58 -29.72
CA LEU A 16 -15.08 -12.93 -31.15
C LEU A 16 -13.67 -13.21 -31.63
N GLU A 17 -12.73 -12.38 -31.20
CA GLU A 17 -11.31 -12.51 -31.50
C GLU A 17 -10.75 -13.49 -30.47
N GLN A 18 -9.87 -14.42 -30.89
CA GLN A 18 -9.31 -15.40 -29.96
C GLN A 18 -8.65 -14.76 -28.71
N THR A 19 -8.78 -15.42 -27.54
CA THR A 19 -8.27 -14.93 -26.25
C THR A 19 -7.14 -15.81 -25.65
N SER A 20 -6.57 -15.43 -24.49
CA SER A 20 -5.56 -16.24 -23.82
C SER A 20 -6.22 -17.37 -23.02
N GLU A 21 -5.42 -18.18 -22.33
CA GLU A 21 -5.92 -19.26 -21.47
C GLU A 21 -6.91 -18.75 -20.38
N ASP A 22 -6.78 -17.48 -19.99
CA ASP A 22 -7.63 -16.83 -18.98
C ASP A 22 -8.68 -15.87 -19.59
N SER A 23 -8.91 -15.97 -20.92
CA SER A 23 -9.86 -15.17 -21.69
C SER A 23 -9.49 -13.66 -21.77
N SER A 24 -8.24 -13.32 -21.46
CA SER A 24 -7.70 -11.97 -21.61
C SER A 24 -7.30 -11.80 -23.10
N LYS A 25 -6.79 -10.60 -23.50
CA LYS A 25 -6.36 -10.40 -24.90
C LYS A 25 -5.33 -11.44 -25.31
N CYS A 26 -5.44 -12.01 -26.53
CA CYS A 26 -4.50 -13.03 -27.03
C CYS A 26 -3.07 -12.47 -27.07
N VAL A 27 -2.21 -12.95 -26.18
CA VAL A 27 -0.84 -12.48 -26.10
C VAL A 27 0.03 -13.41 -26.99
N ASP A 28 0.20 -14.67 -26.60
CA ASP A 28 0.95 -15.67 -27.35
C ASP A 28 -0.05 -16.32 -28.31
N ALA A 29 0.06 -16.06 -29.62
CA ALA A 29 -0.89 -16.61 -30.60
C ALA A 29 -0.72 -18.11 -30.87
N SER A 30 0.45 -18.66 -30.54
CA SER A 30 0.69 -20.09 -30.71
C SER A 30 -0.02 -20.93 -29.64
N ARG A 31 -0.18 -20.35 -28.44
CA ARG A 31 -0.80 -20.98 -27.28
C ARG A 31 -2.11 -20.22 -26.97
N CYS A 32 -2.86 -19.80 -28.03
CA CYS A 32 -4.11 -19.06 -27.89
C CYS A 32 -5.34 -19.91 -28.15
N MET A 33 -6.51 -19.44 -27.67
CA MET A 33 -7.77 -20.20 -27.69
C MET A 33 -9.03 -19.41 -28.08
N GLY A 34 -10.13 -20.15 -28.26
CA GLY A 34 -11.47 -19.65 -28.56
C GLY A 34 -11.63 -18.82 -29.81
N GLY A 35 -12.66 -18.00 -29.82
CA GLY A 35 -12.95 -17.13 -30.95
C GLY A 35 -13.95 -17.68 -31.94
N VAL A 36 -14.62 -16.77 -32.66
CA VAL A 36 -15.63 -17.05 -33.65
C VAL A 36 -15.03 -17.84 -34.85
N ALA A 37 -13.80 -17.48 -35.26
CA ALA A 37 -13.18 -18.14 -36.41
C ALA A 37 -12.76 -19.55 -36.07
N ARG A 38 -12.14 -19.73 -34.88
CA ARG A 38 -11.70 -21.08 -34.47
C ARG A 38 -12.93 -21.99 -34.28
N LEU A 39 -14.03 -21.45 -33.71
CA LEU A 39 -15.26 -22.19 -33.50
C LEU A 39 -15.83 -22.65 -34.83
N PHE A 40 -15.77 -21.79 -35.87
CA PHE A 40 -16.26 -22.12 -37.22
C PHE A 40 -15.64 -23.39 -37.77
N THR A 41 -14.36 -23.60 -37.48
CA THR A 41 -13.68 -24.80 -37.92
C THR A 41 -14.26 -26.03 -37.24
N LYS A 42 -14.37 -26.03 -35.88
CA LYS A 42 -14.87 -27.20 -35.15
C LYS A 42 -16.31 -27.48 -35.42
N VAL A 43 -17.12 -26.42 -35.57
CA VAL A 43 -18.54 -26.55 -35.86
C VAL A 43 -18.70 -27.22 -37.24
N GLN A 44 -18.00 -26.68 -38.25
CA GLN A 44 -18.01 -27.19 -39.60
C GLN A 44 -17.60 -28.70 -39.61
N GLN A 45 -16.53 -29.02 -38.87
CA GLN A 45 -15.95 -30.35 -38.70
C GLN A 45 -16.95 -31.30 -38.07
N ILE A 46 -17.76 -30.82 -37.12
CA ILE A 46 -18.77 -31.66 -36.51
C ILE A 46 -19.93 -31.86 -37.46
N ARG A 47 -20.40 -30.76 -38.08
CA ARG A 47 -21.50 -30.71 -39.04
C ARG A 47 -21.38 -31.76 -40.16
N ARG A 48 -20.18 -31.97 -40.68
CA ARG A 48 -20.00 -32.93 -41.82
C ARG A 48 -20.04 -34.35 -41.28
N ALA A 49 -19.49 -34.53 -40.11
CA ALA A 49 -19.34 -35.85 -39.50
C ALA A 49 -20.66 -36.41 -38.98
N GLU A 50 -21.48 -35.57 -38.36
CA GLU A 50 -22.75 -35.99 -37.79
C GLU A 50 -23.89 -35.71 -38.75
N PRO A 51 -25.00 -36.47 -38.62
CA PRO A 51 -26.12 -36.29 -39.56
C PRO A 51 -27.07 -35.12 -39.27
N ASN A 52 -27.49 -34.94 -38.02
CA ASN A 52 -28.46 -33.91 -37.62
C ASN A 52 -27.81 -33.11 -36.50
N VAL A 53 -27.44 -31.84 -36.75
CA VAL A 53 -26.72 -31.02 -35.76
C VAL A 53 -27.44 -29.71 -35.46
N LEU A 54 -27.24 -29.14 -34.26
CA LEU A 54 -27.85 -27.86 -33.88
C LEU A 54 -26.84 -26.99 -33.17
N LEU A 55 -26.51 -25.83 -33.73
CA LEU A 55 -25.61 -24.89 -33.06
C LEU A 55 -26.48 -23.88 -32.29
N LEU A 56 -26.46 -23.96 -30.96
CA LEU A 56 -27.30 -23.11 -30.12
C LEU A 56 -26.50 -22.20 -29.22
N ASP A 57 -27.11 -21.09 -28.78
CA ASP A 57 -26.47 -20.13 -27.87
C ASP A 57 -27.40 -19.82 -26.71
N ALA A 58 -26.92 -19.85 -25.44
CA ALA A 58 -27.79 -19.59 -24.31
C ALA A 58 -27.65 -18.19 -23.73
N GLY A 59 -27.39 -17.23 -24.59
CA GLY A 59 -27.32 -15.84 -24.16
C GLY A 59 -25.97 -15.24 -23.84
N ASP A 60 -26.00 -14.00 -23.31
CA ASP A 60 -24.87 -13.20 -22.93
C ASP A 60 -23.74 -13.11 -23.97
N GLN A 61 -24.14 -12.74 -25.18
CA GLN A 61 -23.20 -12.50 -26.28
C GLN A 61 -22.60 -11.07 -26.17
N TYR A 62 -23.36 -10.14 -25.49
CA TYR A 62 -23.13 -8.72 -25.21
C TYR A 62 -22.14 -8.50 -24.09
N GLN A 63 -21.43 -7.35 -24.09
CA GLN A 63 -20.43 -6.91 -23.09
C GLN A 63 -19.19 -7.81 -22.98
N GLY A 64 -18.20 -7.39 -22.22
CA GLY A 64 -16.99 -8.18 -22.03
C GLY A 64 -15.76 -7.63 -22.73
N THR A 65 -15.89 -7.20 -24.00
CA THR A 65 -14.72 -6.67 -24.74
C THR A 65 -15.07 -5.37 -25.48
N ILE A 66 -14.04 -4.71 -26.08
CA ILE A 66 -14.14 -3.52 -26.89
C ILE A 66 -14.93 -3.76 -28.20
N TRP A 67 -15.06 -5.03 -28.63
CA TRP A 67 -15.88 -5.38 -29.80
C TRP A 67 -17.32 -4.92 -29.59
N PHE A 68 -17.82 -5.08 -28.35
CA PHE A 68 -19.16 -4.66 -27.99
C PHE A 68 -19.23 -3.17 -27.78
N THR A 69 -18.21 -2.57 -27.17
CA THR A 69 -18.15 -1.12 -26.93
C THR A 69 -18.30 -0.34 -28.26
N VAL A 70 -17.61 -0.81 -29.29
CA VAL A 70 -17.63 -0.19 -30.60
C VAL A 70 -18.87 -0.51 -31.47
N TYR A 71 -19.19 -1.80 -31.67
CA TYR A 71 -20.26 -2.18 -32.57
C TYR A 71 -21.63 -2.38 -31.92
N LYS A 72 -21.66 -2.55 -30.60
CA LYS A 72 -22.88 -2.68 -29.78
C LYS A 72 -23.94 -3.65 -30.29
N GLY A 73 -23.52 -4.76 -30.90
CA GLY A 73 -24.46 -5.76 -31.41
C GLY A 73 -24.29 -6.09 -32.88
N ALA A 74 -23.60 -5.20 -33.62
CA ALA A 74 -23.33 -5.40 -35.05
C ALA A 74 -22.41 -6.59 -35.26
N GLU A 75 -21.44 -6.77 -34.35
CA GLU A 75 -20.51 -7.88 -34.37
C GLU A 75 -21.26 -9.20 -34.11
N VAL A 76 -22.12 -9.24 -33.09
CA VAL A 76 -22.87 -10.41 -32.68
C VAL A 76 -23.76 -10.89 -33.80
N ALA A 77 -24.63 -10.02 -34.33
CA ALA A 77 -25.49 -10.39 -35.44
C ALA A 77 -24.67 -10.80 -36.67
N HIS A 78 -23.65 -10.02 -37.07
CA HIS A 78 -22.84 -10.36 -38.25
C HIS A 78 -22.14 -11.71 -38.17
N PHE A 79 -21.41 -11.96 -37.08
CA PHE A 79 -20.65 -13.20 -36.92
C PHE A 79 -21.46 -14.41 -36.50
N MET A 80 -22.56 -14.22 -35.73
CA MET A 80 -23.43 -15.35 -35.42
C MET A 80 -24.12 -15.79 -36.72
N ASN A 81 -24.47 -14.83 -37.61
CA ASN A 81 -25.03 -15.12 -38.93
C ASN A 81 -24.01 -15.88 -39.77
N ALA A 82 -22.74 -15.44 -39.71
CA ALA A 82 -21.62 -16.06 -40.41
C ALA A 82 -21.45 -17.53 -39.96
N LEU A 83 -21.38 -17.77 -38.63
CA LEU A 83 -21.32 -19.10 -38.02
C LEU A 83 -22.60 -19.92 -38.21
N ARG A 84 -23.63 -19.38 -38.88
CA ARG A 84 -24.90 -20.02 -39.15
C ARG A 84 -25.55 -20.67 -37.93
N TYR A 85 -25.66 -19.90 -36.84
CA TYR A 85 -26.28 -20.35 -35.60
C TYR A 85 -27.74 -20.74 -35.86
N ASP A 86 -28.19 -21.79 -35.19
CA ASP A 86 -29.56 -22.26 -35.38
C ASP A 86 -30.53 -21.49 -34.51
N ALA A 87 -30.19 -21.31 -33.23
CA ALA A 87 -31.05 -20.56 -32.32
C ALA A 87 -30.27 -19.98 -31.15
N MET A 88 -30.82 -18.93 -30.53
CA MET A 88 -30.19 -18.30 -29.40
C MET A 88 -31.23 -17.83 -28.43
N ALA A 89 -31.03 -18.06 -27.11
CA ALA A 89 -31.95 -17.55 -26.07
C ALA A 89 -31.47 -16.17 -25.66
N LEU A 90 -32.39 -15.30 -25.24
CA LEU A 90 -32.01 -13.97 -24.80
C LEU A 90 -31.36 -14.07 -23.44
N GLY A 91 -30.23 -13.40 -23.29
CA GLY A 91 -29.51 -13.34 -22.02
C GLY A 91 -29.78 -12.04 -21.30
N ASN A 92 -29.47 -11.97 -20.00
CA ASN A 92 -29.70 -10.75 -19.23
C ASN A 92 -28.86 -9.57 -19.75
N HIS A 93 -27.62 -9.85 -20.24
CA HIS A 93 -26.78 -8.79 -20.78
C HIS A 93 -27.24 -8.25 -22.13
N GLU A 94 -28.15 -8.96 -22.81
CA GLU A 94 -28.70 -8.47 -24.07
C GLU A 94 -29.52 -7.20 -23.91
N PHE A 95 -30.03 -6.92 -22.71
CA PHE A 95 -30.79 -5.72 -22.40
C PHE A 95 -29.91 -4.61 -21.82
N ASP A 96 -28.57 -4.79 -21.73
CA ASP A 96 -27.63 -3.81 -21.18
C ASP A 96 -27.77 -2.47 -21.89
N ASN A 97 -27.92 -2.49 -23.22
CA ASN A 97 -28.07 -1.28 -23.99
C ASN A 97 -29.53 -0.93 -24.22
N GLY A 98 -30.35 -1.04 -23.18
CA GLY A 98 -31.78 -0.74 -23.28
C GLY A 98 -32.50 -1.67 -24.23
N VAL A 99 -33.77 -1.35 -24.52
CA VAL A 99 -34.55 -2.20 -25.42
C VAL A 99 -34.10 -1.97 -26.86
N GLU A 100 -33.80 -0.73 -27.22
CA GLU A 100 -33.40 -0.51 -28.63
C GLU A 100 -32.05 -1.17 -28.87
N GLY A 101 -31.17 -1.13 -27.87
CA GLY A 101 -29.84 -1.73 -28.01
C GLY A 101 -29.86 -3.24 -28.21
N LEU A 102 -31.07 -3.84 -28.27
CA LEU A 102 -31.38 -5.25 -28.53
C LEU A 102 -32.15 -5.32 -29.87
N ILE A 103 -33.08 -4.38 -30.09
CA ILE A 103 -33.93 -4.33 -31.26
C ILE A 103 -33.20 -3.91 -32.52
N GLU A 104 -32.45 -2.83 -32.46
CA GLU A 104 -31.81 -2.29 -33.64
C GLU A 104 -30.63 -3.12 -34.17
N PRO A 105 -29.60 -3.50 -33.38
CA PRO A 105 -28.49 -4.28 -33.96
C PRO A 105 -28.73 -5.78 -34.09
N LEU A 106 -29.25 -6.44 -33.04
CA LEU A 106 -29.40 -7.90 -33.07
C LEU A 106 -30.75 -8.40 -33.57
N LEU A 107 -31.87 -8.11 -32.86
CA LEU A 107 -33.21 -8.60 -33.20
C LEU A 107 -33.66 -8.34 -34.64
N LYS A 108 -33.16 -7.28 -35.27
CA LYS A 108 -33.51 -6.98 -36.65
C LYS A 108 -32.55 -7.61 -37.66
N GLU A 109 -31.28 -7.83 -37.27
CA GLU A 109 -30.28 -8.35 -38.21
C GLU A 109 -30.01 -9.87 -38.13
N ALA A 110 -30.51 -10.54 -37.09
CA ALA A 110 -30.28 -11.98 -36.93
C ALA A 110 -31.08 -12.85 -37.89
N LYS A 111 -30.34 -13.70 -38.62
CA LYS A 111 -30.86 -14.67 -39.57
C LYS A 111 -31.07 -16.01 -38.82
N PHE A 112 -31.70 -15.95 -37.64
CA PHE A 112 -31.97 -17.10 -36.78
C PHE A 112 -32.95 -16.73 -35.69
N PRO A 113 -33.78 -17.68 -35.26
CA PRO A 113 -34.76 -17.36 -34.20
C PRO A 113 -34.13 -17.05 -32.84
N ILE A 114 -34.47 -15.90 -32.27
CA ILE A 114 -33.97 -15.52 -30.95
C ILE A 114 -35.15 -15.77 -30.00
N LEU A 115 -34.96 -16.64 -29.00
CA LEU A 115 -36.07 -17.12 -28.20
C LEU A 115 -36.14 -16.61 -26.79
N SER A 116 -37.35 -16.68 -26.19
CA SER A 116 -37.70 -16.33 -24.82
C SER A 116 -39.18 -16.42 -24.51
N ALA A 117 -39.58 -17.44 -23.77
CA ALA A 117 -40.96 -17.67 -23.41
C ALA A 117 -41.43 -16.92 -22.17
N ASN A 118 -40.50 -16.50 -21.29
CA ASN A 118 -40.93 -15.84 -20.05
C ASN A 118 -40.82 -14.30 -20.09
N ILE A 119 -40.58 -13.71 -21.28
CA ILE A 119 -40.59 -12.25 -21.41
C ILE A 119 -41.85 -11.88 -22.17
N LYS A 120 -42.72 -11.08 -21.57
CA LYS A 120 -43.96 -10.63 -22.24
C LYS A 120 -43.91 -9.12 -22.45
N ALA A 121 -44.50 -8.62 -23.55
CA ALA A 121 -44.43 -7.17 -23.84
C ALA A 121 -45.74 -6.41 -23.66
N LYS A 122 -45.64 -5.13 -23.29
CA LYS A 122 -46.83 -4.32 -23.06
C LYS A 122 -46.70 -2.89 -23.64
N GLY A 123 -47.86 -2.29 -23.93
CA GLY A 123 -47.99 -0.92 -24.42
C GLY A 123 -47.27 -0.53 -25.71
N PRO A 124 -46.40 0.53 -25.64
CA PRO A 124 -45.70 0.99 -26.86
C PRO A 124 -44.71 -0.01 -27.43
N LEU A 125 -43.95 -0.65 -26.55
CA LEU A 125 -42.97 -1.66 -26.88
C LEU A 125 -43.63 -2.94 -27.44
N ALA A 126 -44.86 -3.24 -26.99
CA ALA A 126 -45.62 -4.44 -27.37
C ALA A 126 -45.53 -4.80 -28.86
N SER A 127 -45.87 -3.85 -29.77
CA SER A 127 -45.84 -4.07 -31.22
C SER A 127 -44.44 -3.90 -31.83
N GLN A 128 -43.59 -3.07 -31.22
CA GLN A 128 -42.23 -2.85 -31.71
C GLN A 128 -41.47 -4.19 -31.83
N ILE A 129 -41.26 -4.90 -30.69
CA ILE A 129 -40.59 -6.21 -30.68
C ILE A 129 -41.46 -7.34 -31.15
N SER A 130 -42.77 -7.12 -31.41
CA SER A 130 -43.65 -8.21 -31.80
C SER A 130 -43.11 -8.99 -32.99
N GLY A 131 -42.76 -10.24 -32.73
CA GLY A 131 -42.23 -11.12 -33.75
C GLY A 131 -40.73 -11.18 -33.88
N LEU A 132 -40.03 -10.21 -33.27
CA LEU A 132 -38.58 -10.16 -33.31
C LEU A 132 -38.00 -11.31 -32.47
N TYR A 133 -38.62 -11.55 -31.31
CA TYR A 133 -38.30 -12.72 -30.51
C TYR A 133 -39.59 -13.57 -30.43
N LEU A 134 -39.39 -14.89 -30.28
CA LEU A 134 -40.47 -15.85 -30.17
C LEU A 134 -40.26 -16.66 -28.90
N PRO A 135 -41.33 -17.19 -28.30
CA PRO A 135 -41.17 -18.04 -27.12
C PRO A 135 -40.53 -19.40 -27.42
N TYR A 136 -40.73 -19.89 -28.65
CA TYR A 136 -40.24 -21.17 -29.13
C TYR A 136 -39.99 -21.17 -30.64
N LYS A 137 -39.21 -22.12 -31.12
CA LYS A 137 -39.02 -22.30 -32.54
C LYS A 137 -38.98 -23.76 -32.89
N VAL A 138 -39.79 -24.17 -33.88
CA VAL A 138 -39.83 -25.56 -34.31
C VAL A 138 -38.96 -25.73 -35.54
N LEU A 139 -37.67 -26.04 -35.33
CA LEU A 139 -36.70 -26.21 -36.41
C LEU A 139 -36.81 -27.57 -37.08
N PRO A 140 -36.82 -27.58 -38.42
CA PRO A 140 -36.87 -28.87 -39.13
C PRO A 140 -35.45 -29.45 -39.22
N VAL A 141 -35.17 -30.51 -38.47
CA VAL A 141 -33.84 -31.14 -38.48
C VAL A 141 -33.98 -32.48 -39.18
N GLY A 142 -33.39 -32.62 -40.37
CA GLY A 142 -33.55 -33.84 -41.16
C GLY A 142 -35.01 -34.03 -41.55
N ASP A 143 -35.59 -35.18 -41.19
CA ASP A 143 -37.02 -35.43 -41.43
C ASP A 143 -37.73 -35.59 -40.09
N GLU A 144 -37.39 -34.71 -39.15
CA GLU A 144 -37.94 -34.64 -37.79
C GLU A 144 -38.02 -33.19 -37.39
N VAL A 145 -38.86 -32.90 -36.39
CA VAL A 145 -38.94 -31.54 -35.88
C VAL A 145 -38.38 -31.47 -34.48
N VAL A 146 -37.71 -30.38 -34.14
CA VAL A 146 -37.17 -30.20 -32.82
C VAL A 146 -37.64 -28.87 -32.29
N GLY A 147 -38.33 -28.90 -31.17
CA GLY A 147 -38.84 -27.68 -30.56
C GLY A 147 -37.89 -27.12 -29.53
N ILE A 148 -37.45 -25.87 -29.72
CA ILE A 148 -36.59 -25.21 -28.76
C ILE A 148 -37.40 -24.14 -28.03
N VAL A 149 -37.46 -24.18 -26.69
CA VAL A 149 -38.21 -23.18 -25.94
C VAL A 149 -37.22 -22.33 -25.17
N GLY A 150 -37.29 -21.01 -25.32
CA GLY A 150 -36.34 -20.12 -24.67
C GLY A 150 -36.74 -19.58 -23.32
N TYR A 151 -35.78 -19.05 -22.56
CA TYR A 151 -36.07 -18.40 -21.29
C TYR A 151 -34.93 -17.50 -20.88
N THR A 152 -35.27 -16.36 -20.29
CA THR A 152 -34.27 -15.40 -19.82
C THR A 152 -34.46 -15.22 -18.30
N SER A 153 -33.39 -15.07 -17.53
CA SER A 153 -33.44 -14.88 -16.06
C SER A 153 -34.60 -13.99 -15.56
N LYS A 154 -35.42 -14.51 -14.64
CA LYS A 154 -36.54 -13.82 -14.06
C LYS A 154 -36.13 -12.48 -13.44
N GLU A 155 -34.87 -12.40 -12.95
CA GLU A 155 -34.25 -11.26 -12.29
C GLU A 155 -33.57 -10.28 -13.24
N THR A 156 -33.78 -10.40 -14.56
CA THR A 156 -33.18 -9.47 -15.53
C THR A 156 -33.53 -8.00 -15.23
N PRO A 157 -34.78 -7.63 -14.82
CA PRO A 157 -35.03 -6.22 -14.44
C PRO A 157 -34.04 -5.64 -13.43
N PHE A 158 -33.45 -6.47 -12.56
CA PHE A 158 -32.49 -6.02 -11.55
C PHE A 158 -31.07 -6.01 -12.09
N LEU A 159 -30.70 -7.11 -12.75
CA LEU A 159 -29.39 -7.46 -13.26
C LEU A 159 -28.92 -6.66 -14.49
N SER A 160 -29.86 -6.01 -15.15
CA SER A 160 -29.58 -5.28 -16.37
C SER A 160 -30.65 -4.16 -16.60
N ASN A 161 -30.66 -3.54 -17.78
CA ASN A 161 -31.57 -2.45 -18.16
C ASN A 161 -32.67 -2.94 -19.18
N PRO A 162 -33.51 -3.96 -18.87
CA PRO A 162 -34.44 -4.47 -19.88
C PRO A 162 -35.58 -3.54 -20.26
N GLY A 163 -35.89 -2.58 -19.41
CA GLY A 163 -36.97 -1.66 -19.67
C GLY A 163 -38.19 -1.92 -18.82
N THR A 164 -39.13 -1.01 -18.89
CA THR A 164 -40.39 -0.98 -18.12
C THR A 164 -41.54 -1.68 -18.84
N ASN A 165 -41.46 -1.79 -20.18
CA ASN A 165 -42.55 -2.40 -20.93
C ASN A 165 -42.30 -3.88 -21.32
N LEU A 166 -41.39 -4.51 -20.57
CA LEU A 166 -41.11 -5.93 -20.65
C LEU A 166 -41.35 -6.52 -19.28
N VAL A 167 -42.01 -7.67 -19.25
CA VAL A 167 -42.34 -8.32 -18.00
C VAL A 167 -41.73 -9.73 -17.94
N PHE A 168 -40.95 -9.99 -16.88
CA PHE A 168 -40.28 -11.25 -16.69
C PHE A 168 -41.04 -12.15 -15.70
N GLU A 169 -41.87 -13.01 -16.29
CA GLU A 169 -42.66 -14.05 -15.64
C GLU A 169 -41.74 -15.15 -15.16
N ASP A 170 -42.18 -16.01 -14.21
CA ASP A 170 -41.36 -17.13 -13.76
C ASP A 170 -41.05 -18.13 -14.88
N GLU A 171 -39.81 -18.62 -14.94
CA GLU A 171 -39.40 -19.52 -16.00
C GLU A 171 -40.28 -20.77 -16.08
N ILE A 172 -40.19 -21.65 -15.08
CA ILE A 172 -40.94 -22.92 -15.04
C ILE A 172 -42.45 -22.70 -15.29
N THR A 173 -43.04 -21.63 -14.75
CA THR A 173 -44.46 -21.32 -14.95
C THR A 173 -44.77 -20.92 -16.39
N ALA A 174 -43.92 -20.10 -17.02
CA ALA A 174 -44.17 -19.68 -18.40
C ALA A 174 -43.75 -20.73 -19.42
N LEU A 175 -42.79 -21.60 -19.07
CA LEU A 175 -42.31 -22.63 -19.98
C LEU A 175 -43.34 -23.75 -20.17
N GLN A 176 -43.95 -24.22 -19.07
CA GLN A 176 -44.86 -25.36 -19.11
C GLN A 176 -46.00 -25.26 -20.14
N PRO A 177 -46.78 -24.17 -20.23
CA PRO A 177 -47.86 -24.13 -21.25
C PRO A 177 -47.33 -24.16 -22.67
N GLU A 178 -46.10 -23.65 -22.88
CA GLU A 178 -45.45 -23.59 -24.19
C GLU A 178 -44.91 -24.93 -24.64
N VAL A 179 -44.42 -25.75 -23.68
CA VAL A 179 -43.95 -27.12 -23.89
C VAL A 179 -45.17 -28.03 -24.15
N ASP A 180 -46.24 -27.86 -23.35
CA ASP A 180 -47.49 -28.61 -23.49
C ASP A 180 -48.08 -28.28 -24.88
N LYS A 181 -48.03 -26.98 -25.30
CA LYS A 181 -48.52 -26.55 -26.60
C LYS A 181 -47.78 -27.29 -27.72
N LEU A 182 -46.44 -27.34 -27.62
CA LEU A 182 -45.60 -28.00 -28.59
C LEU A 182 -45.89 -29.48 -28.65
N LYS A 183 -46.11 -30.12 -27.49
CA LYS A 183 -46.45 -31.56 -27.48
C LYS A 183 -47.73 -31.82 -28.25
N THR A 184 -48.76 -30.96 -28.05
CA THR A 184 -50.01 -31.11 -28.79
C THR A 184 -49.81 -30.80 -30.28
N LEU A 185 -48.85 -29.91 -30.60
CA LEU A 185 -48.45 -29.61 -31.98
C LEU A 185 -47.58 -30.74 -32.62
N ASN A 186 -47.62 -31.95 -32.00
CA ASN A 186 -46.92 -33.15 -32.41
C ASN A 186 -45.43 -32.94 -32.52
N VAL A 187 -44.84 -32.16 -31.56
CA VAL A 187 -43.41 -31.92 -31.48
C VAL A 187 -42.90 -32.77 -30.34
N ASN A 188 -42.39 -33.94 -30.71
CA ASN A 188 -41.91 -35.00 -29.84
C ASN A 188 -40.59 -34.68 -29.09
N LYS A 189 -39.85 -33.73 -29.61
CA LYS A 189 -38.50 -33.47 -29.09
C LYS A 189 -38.38 -32.02 -28.61
N ILE A 190 -38.12 -31.83 -27.32
CA ILE A 190 -38.05 -30.47 -26.77
C ILE A 190 -36.73 -30.15 -26.06
N ILE A 191 -35.99 -29.23 -26.64
CA ILE A 191 -34.83 -28.65 -26.01
C ILE A 191 -35.35 -27.37 -25.29
N ALA A 192 -34.84 -27.07 -24.11
CA ALA A 192 -35.13 -25.79 -23.47
C ALA A 192 -33.79 -25.06 -23.49
N LEU A 193 -33.75 -23.85 -24.03
CA LEU A 193 -32.53 -23.09 -24.16
C LEU A 193 -32.74 -21.81 -23.36
N GLY A 194 -31.93 -21.57 -22.33
CA GLY A 194 -32.13 -20.39 -21.50
C GLY A 194 -30.98 -19.87 -20.65
N HIS A 195 -31.14 -18.62 -20.18
CA HIS A 195 -30.12 -17.93 -19.46
C HIS A 195 -30.57 -17.61 -18.04
N SER A 196 -30.61 -18.62 -17.18
CA SER A 196 -31.04 -18.44 -15.78
C SER A 196 -30.05 -19.03 -14.74
N GLY A 197 -29.02 -19.72 -15.21
CA GLY A 197 -28.04 -20.33 -14.33
C GLY A 197 -28.30 -21.80 -14.16
N PHE A 198 -27.28 -22.52 -13.69
CA PHE A 198 -27.27 -23.95 -13.46
C PHE A 198 -28.40 -24.48 -12.52
N GLU A 199 -28.50 -23.96 -11.28
CA GLU A 199 -29.52 -24.40 -10.32
C GLU A 199 -30.92 -24.30 -10.88
N MET A 200 -31.24 -23.18 -11.58
CA MET A 200 -32.55 -23.00 -12.23
C MET A 200 -32.70 -23.94 -13.41
N ASP A 201 -31.61 -24.22 -14.14
CA ASP A 201 -31.67 -25.19 -15.25
C ASP A 201 -32.12 -26.54 -14.70
N LYS A 202 -31.47 -27.04 -13.62
CA LYS A 202 -31.83 -28.30 -12.96
C LYS A 202 -33.26 -28.53 -12.45
N LEU A 203 -33.91 -27.48 -11.93
CA LEU A 203 -35.32 -27.57 -11.53
C LEU A 203 -36.30 -27.48 -12.73
N ILE A 204 -35.82 -26.83 -13.82
CA ILE A 204 -36.53 -26.70 -15.08
C ILE A 204 -36.57 -28.13 -15.57
N ALA A 205 -35.42 -28.79 -15.58
CA ALA A 205 -35.29 -30.15 -16.04
C ALA A 205 -36.15 -31.09 -15.20
N GLN A 206 -36.15 -30.88 -13.88
CA GLN A 206 -36.89 -31.70 -12.95
C GLN A 206 -38.39 -31.40 -12.93
N LYS A 207 -38.73 -30.12 -13.10
CA LYS A 207 -40.13 -29.71 -13.02
C LYS A 207 -40.91 -29.60 -14.37
N VAL A 208 -40.38 -28.90 -15.41
CA VAL A 208 -41.12 -28.75 -16.68
C VAL A 208 -41.29 -30.08 -17.42
N ARG A 209 -42.48 -30.70 -17.26
CA ARG A 209 -42.84 -31.96 -17.89
C ARG A 209 -42.77 -31.88 -19.38
N GLY A 210 -41.95 -32.72 -20.00
CA GLY A 210 -41.84 -32.73 -21.44
C GLY A 210 -40.52 -32.25 -22.00
N VAL A 211 -39.73 -31.53 -21.19
CA VAL A 211 -38.43 -31.08 -21.67
C VAL A 211 -37.48 -32.25 -21.77
N ASP A 212 -37.11 -32.62 -22.99
CA ASP A 212 -36.20 -33.73 -23.21
C ASP A 212 -34.72 -33.36 -22.85
N VAL A 213 -34.31 -32.08 -22.99
CA VAL A 213 -32.95 -31.66 -22.63
C VAL A 213 -32.88 -30.16 -22.30
N VAL A 214 -32.07 -29.79 -21.33
CA VAL A 214 -31.87 -28.39 -20.93
C VAL A 214 -30.45 -27.89 -21.33
N VAL A 215 -30.38 -26.82 -22.11
CA VAL A 215 -29.13 -26.24 -22.53
C VAL A 215 -29.15 -24.84 -21.96
N GLY A 216 -28.38 -24.60 -20.91
CA GLY A 216 -28.41 -23.30 -20.24
C GLY A 216 -27.14 -22.49 -20.27
N GLY A 217 -27.17 -21.38 -19.54
CA GLY A 217 -26.06 -20.44 -19.41
C GLY A 217 -26.18 -19.58 -18.16
N HIS A 218 -25.64 -18.36 -18.22
CA HIS A 218 -25.66 -17.33 -17.17
C HIS A 218 -24.63 -17.53 -16.05
N SER A 219 -24.55 -18.73 -15.49
CA SER A 219 -23.68 -18.99 -14.35
C SER A 219 -22.25 -19.36 -14.69
N ASN A 220 -21.89 -19.48 -16.01
CA ASN A 220 -20.54 -19.86 -16.48
C ASN A 220 -20.09 -21.24 -16.00
N THR A 221 -21.07 -22.14 -15.84
CA THR A 221 -20.83 -23.48 -15.33
C THR A 221 -20.05 -24.29 -16.30
N PHE A 222 -19.06 -25.01 -15.78
CA PHE A 222 -18.25 -25.87 -16.61
C PHE A 222 -18.52 -27.29 -16.17
N LEU A 223 -18.98 -28.13 -17.09
CA LEU A 223 -19.26 -29.52 -16.77
C LEU A 223 -18.30 -30.41 -17.53
N TYR A 224 -17.86 -31.54 -16.94
CA TYR A 224 -16.95 -32.45 -17.65
C TYR A 224 -16.98 -33.89 -17.16
N THR A 225 -17.00 -34.82 -18.10
CA THR A 225 -16.91 -36.23 -17.77
C THR A 225 -15.48 -36.66 -18.10
N GLY A 226 -14.65 -36.87 -17.09
CA GLY A 226 -13.26 -37.25 -17.29
C GLY A 226 -12.30 -36.20 -16.79
N ASN A 227 -11.04 -36.23 -17.25
CA ASN A 227 -10.05 -35.24 -16.80
C ASN A 227 -10.08 -33.99 -17.66
N PRO A 228 -10.47 -32.84 -17.07
CA PRO A 228 -10.60 -31.61 -17.86
C PRO A 228 -9.33 -31.18 -18.61
N PRO A 229 -9.51 -30.63 -19.83
CA PRO A 229 -8.34 -30.22 -20.62
C PRO A 229 -7.59 -28.97 -20.14
N SER A 230 -8.20 -28.15 -19.27
CA SER A 230 -7.61 -26.89 -18.84
C SER A 230 -7.90 -26.52 -17.35
N LYS A 231 -7.54 -25.28 -16.93
CA LYS A 231 -7.69 -24.72 -15.58
C LYS A 231 -9.10 -24.75 -15.03
N GLU A 232 -10.11 -24.89 -15.90
CA GLU A 232 -11.50 -24.90 -15.45
C GLU A 232 -11.78 -26.17 -14.69
N VAL A 233 -12.21 -26.02 -13.44
CA VAL A 233 -12.53 -27.16 -12.61
C VAL A 233 -14.03 -27.40 -12.79
N PRO A 234 -14.45 -28.64 -13.04
CA PRO A 234 -15.86 -28.89 -13.31
C PRO A 234 -16.76 -28.96 -12.08
N ALA A 235 -17.99 -28.44 -12.25
CA ALA A 235 -19.05 -28.44 -11.25
C ALA A 235 -19.85 -29.79 -11.21
N GLY A 236 -19.72 -30.59 -12.26
CA GLY A 236 -20.37 -31.89 -12.41
C GLY A 236 -19.98 -32.55 -13.72
N LYS A 237 -20.62 -33.67 -14.04
CA LYS A 237 -20.30 -34.39 -15.29
C LYS A 237 -21.08 -33.82 -16.50
N TYR A 238 -20.56 -34.07 -17.70
CA TYR A 238 -21.19 -33.61 -18.94
C TYR A 238 -21.77 -34.84 -19.67
N PRO A 239 -23.10 -34.89 -19.83
CA PRO A 239 -24.09 -33.93 -19.33
C PRO A 239 -24.45 -34.16 -17.87
N PHE A 240 -24.98 -33.13 -17.21
CA PHE A 240 -25.42 -33.27 -15.83
C PHE A 240 -26.78 -33.96 -15.89
N ILE A 241 -26.95 -35.13 -15.23
CA ILE A 241 -28.23 -35.83 -15.35
C ILE A 241 -29.18 -35.59 -14.19
N VAL A 242 -30.28 -34.91 -14.51
CA VAL A 242 -31.36 -34.57 -13.60
C VAL A 242 -32.44 -35.63 -13.76
N THR A 243 -32.99 -36.16 -12.65
CA THR A 243 -34.09 -37.12 -12.75
C THR A 243 -35.39 -36.35 -12.55
N SER A 244 -36.11 -36.08 -13.64
CA SER A 244 -37.38 -35.37 -13.62
C SER A 244 -38.45 -36.11 -12.79
N ASP A 245 -39.47 -35.36 -12.30
CA ASP A 245 -40.59 -35.94 -11.54
C ASP A 245 -41.38 -36.93 -12.42
N ASP A 246 -41.38 -36.68 -13.77
CA ASP A 246 -41.90 -37.47 -14.89
C ASP A 246 -41.39 -38.90 -14.87
N GLY A 247 -40.19 -39.11 -14.35
CA GLY A 247 -39.54 -40.41 -14.38
C GLY A 247 -38.52 -40.51 -15.50
N ARG A 248 -38.16 -39.37 -16.09
CA ARG A 248 -37.20 -39.32 -17.16
C ARG A 248 -35.82 -38.84 -16.64
N LYS A 249 -34.76 -39.10 -17.41
CA LYS A 249 -33.42 -38.66 -17.07
C LYS A 249 -33.15 -37.56 -18.04
N VAL A 250 -33.22 -36.31 -17.57
CA VAL A 250 -33.04 -35.13 -18.40
C VAL A 250 -31.62 -34.55 -18.34
N PRO A 251 -30.91 -34.58 -19.49
CA PRO A 251 -29.55 -34.02 -19.52
C PRO A 251 -29.57 -32.50 -19.42
N VAL A 252 -28.61 -31.91 -18.71
CA VAL A 252 -28.45 -30.48 -18.53
C VAL A 252 -27.00 -30.11 -18.89
N VAL A 253 -26.83 -29.18 -19.86
CA VAL A 253 -25.49 -28.81 -20.29
C VAL A 253 -25.21 -27.30 -20.28
N GLN A 254 -23.92 -26.93 -20.01
CA GLN A 254 -23.38 -25.56 -20.02
C GLN A 254 -21.93 -25.61 -20.59
N ALA A 255 -21.44 -24.50 -21.22
CA ALA A 255 -20.12 -24.49 -21.89
C ALA A 255 -19.18 -23.47 -21.31
N TYR A 256 -19.21 -23.35 -19.97
CA TYR A 256 -18.37 -22.41 -19.24
C TYR A 256 -18.70 -20.96 -19.67
N ALA A 257 -17.83 -20.22 -20.38
CA ALA A 257 -18.01 -18.84 -20.83
C ALA A 257 -16.86 -18.47 -21.80
N PHE A 258 -16.97 -17.30 -22.49
CA PHE A 258 -15.95 -16.69 -23.37
C PHE A 258 -15.59 -17.49 -24.65
N GLY A 259 -16.41 -18.49 -24.95
CA GLY A 259 -16.19 -19.31 -26.13
C GLY A 259 -14.91 -20.09 -26.02
N LYS A 260 -14.54 -20.50 -24.79
CA LYS A 260 -13.35 -21.33 -24.61
C LYS A 260 -13.68 -22.78 -25.04
N TYR A 261 -14.90 -23.22 -24.76
CA TYR A 261 -15.35 -24.56 -25.09
C TYR A 261 -16.62 -24.56 -25.92
N LEU A 262 -16.68 -25.45 -26.94
CA LEU A 262 -17.89 -25.64 -27.72
C LEU A 262 -18.51 -26.88 -27.10
N GLY A 263 -19.67 -26.72 -26.46
CA GLY A 263 -20.34 -27.84 -25.83
C GLY A 263 -20.80 -28.81 -26.89
N TYR A 264 -20.48 -30.08 -26.71
CA TYR A 264 -20.88 -31.11 -27.66
C TYR A 264 -21.73 -32.09 -26.90
N LEU A 265 -22.94 -32.38 -27.39
CA LEU A 265 -23.79 -33.39 -26.77
C LEU A 265 -24.46 -34.25 -27.84
N LYS A 266 -24.10 -35.54 -27.93
CA LYS A 266 -24.71 -36.47 -28.87
C LYS A 266 -25.91 -37.13 -28.20
N ILE A 267 -27.05 -37.24 -28.91
CA ILE A 267 -28.26 -37.84 -28.36
C ILE A 267 -28.93 -38.91 -29.27
N GLU A 268 -29.19 -40.10 -28.71
CA GLU A 268 -29.95 -41.12 -29.40
C GLU A 268 -31.39 -40.91 -28.90
N PHE A 269 -32.32 -40.74 -29.81
CA PHE A 269 -33.73 -40.51 -29.54
C PHE A 269 -34.55 -41.67 -30.03
N ASP A 270 -35.69 -41.90 -29.39
CA ASP A 270 -36.60 -42.96 -29.83
C ASP A 270 -37.69 -42.41 -30.81
N GLU A 271 -38.56 -43.30 -31.32
CA GLU A 271 -39.66 -42.96 -32.23
C GLU A 271 -40.55 -41.85 -31.68
N ARG A 272 -40.68 -41.79 -30.35
CA ARG A 272 -41.56 -40.86 -29.68
C ARG A 272 -40.87 -39.61 -29.15
N GLY A 273 -39.59 -39.39 -29.47
CA GLY A 273 -38.86 -38.21 -29.02
C GLY A 273 -38.48 -38.22 -27.56
N ASN A 274 -37.83 -39.32 -27.16
CA ASN A 274 -37.37 -39.60 -25.81
C ASN A 274 -35.92 -39.98 -25.88
N VAL A 275 -35.12 -39.40 -25.00
CA VAL A 275 -33.68 -39.69 -24.94
C VAL A 275 -33.41 -41.14 -24.51
N ILE A 276 -32.83 -41.93 -25.40
CA ILE A 276 -32.45 -43.32 -25.13
C ILE A 276 -31.08 -43.32 -24.48
N SER A 277 -30.16 -42.57 -25.07
CA SER A 277 -28.80 -42.43 -24.62
C SER A 277 -28.31 -41.04 -24.95
N SER A 278 -27.38 -40.54 -24.15
CA SER A 278 -26.79 -39.23 -24.38
C SER A 278 -25.38 -39.23 -23.82
N HIS A 279 -24.47 -38.58 -24.54
CA HIS A 279 -23.09 -38.46 -24.11
C HIS A 279 -22.42 -37.27 -24.79
N GLY A 280 -21.38 -36.75 -24.17
CA GLY A 280 -20.61 -35.65 -24.75
C GLY A 280 -19.60 -35.11 -23.79
N ASN A 281 -19.03 -33.95 -24.16
CA ASN A 281 -18.07 -33.17 -23.38
C ASN A 281 -17.80 -31.85 -24.09
N PRO A 282 -17.61 -30.76 -23.34
CA PRO A 282 -17.32 -29.47 -23.98
C PRO A 282 -15.94 -29.46 -24.62
N ILE A 283 -15.87 -29.35 -25.95
CA ILE A 283 -14.61 -29.33 -26.70
C ILE A 283 -13.76 -28.07 -26.50
N LEU A 284 -12.56 -28.22 -25.89
CA LEU A 284 -11.61 -27.11 -25.70
C LEU A 284 -11.15 -26.55 -27.05
N LEU A 285 -11.58 -25.34 -27.36
CA LEU A 285 -11.22 -24.69 -28.61
C LEU A 285 -9.84 -24.12 -28.48
N ASP A 286 -8.81 -24.92 -28.74
CA ASP A 286 -7.42 -24.47 -28.63
C ASP A 286 -6.72 -24.46 -30.00
N SER A 287 -5.45 -23.97 -30.05
CA SER A 287 -4.63 -23.87 -31.27
C SER A 287 -4.55 -25.14 -32.10
N SER A 288 -4.83 -26.32 -31.51
CA SER A 288 -4.86 -27.59 -32.24
C SER A 288 -6.02 -27.67 -33.28
N ILE A 289 -6.97 -26.73 -33.21
CA ILE A 289 -8.06 -26.56 -34.16
C ILE A 289 -7.75 -25.21 -34.81
N PRO A 290 -7.49 -25.17 -36.13
CA PRO A 290 -7.12 -23.90 -36.76
C PRO A 290 -8.27 -22.90 -36.89
N GLU A 291 -7.97 -21.60 -36.83
CA GLU A 291 -8.99 -20.58 -37.00
C GLU A 291 -9.37 -20.57 -38.46
N ASP A 292 -10.68 -20.63 -38.81
CA ASP A 292 -11.10 -20.62 -40.21
C ASP A 292 -10.64 -19.34 -40.88
N PRO A 293 -9.92 -19.46 -42.00
CA PRO A 293 -9.30 -18.28 -42.61
C PRO A 293 -10.25 -17.23 -43.15
N SER A 294 -11.26 -17.64 -43.92
CA SER A 294 -12.20 -16.70 -44.50
C SER A 294 -12.96 -15.92 -43.45
N ILE A 295 -13.33 -16.59 -42.35
CA ILE A 295 -14.07 -15.93 -41.27
C ILE A 295 -13.12 -15.03 -40.47
N LYS A 296 -11.89 -15.48 -40.22
CA LYS A 296 -10.89 -14.67 -39.52
C LYS A 296 -10.52 -13.41 -40.32
N ALA A 297 -10.58 -13.49 -41.67
CA ALA A 297 -10.29 -12.33 -42.51
C ALA A 297 -11.31 -11.22 -42.25
N ASP A 298 -12.61 -11.59 -42.10
CA ASP A 298 -13.69 -10.67 -41.80
C ASP A 298 -13.52 -10.03 -40.41
N ILE A 299 -12.99 -10.80 -39.42
CA ILE A 299 -12.70 -10.28 -38.09
C ILE A 299 -11.60 -9.20 -38.20
N ASN A 300 -10.62 -9.41 -39.07
CA ASN A 300 -9.57 -8.44 -39.29
C ASN A 300 -10.07 -7.20 -40.04
N LYS A 301 -11.08 -7.37 -40.91
CA LYS A 301 -11.76 -6.28 -41.62
C LYS A 301 -12.53 -5.41 -40.61
N TRP A 302 -13.12 -6.04 -39.58
CA TRP A 302 -13.85 -5.38 -38.51
C TRP A 302 -12.95 -4.95 -37.33
N ARG A 303 -11.64 -5.20 -37.41
CA ARG A 303 -10.69 -4.86 -36.35
C ARG A 303 -10.07 -3.48 -36.47
N ILE A 304 -9.89 -2.95 -37.68
CA ILE A 304 -9.24 -1.64 -37.86
C ILE A 304 -10.00 -0.49 -37.16
N LYS A 305 -11.31 -0.65 -36.91
CA LYS A 305 -12.07 0.36 -36.18
C LYS A 305 -11.67 0.23 -34.70
N LEU A 306 -11.56 -1.02 -34.22
CA LEU A 306 -11.15 -1.37 -32.87
C LEU A 306 -9.70 -1.00 -32.59
N ASP A 307 -8.84 -1.04 -33.62
CA ASP A 307 -7.42 -0.70 -33.52
C ASP A 307 -7.26 0.72 -33.02
N ASP A 308 -7.81 1.71 -33.76
CA ASP A 308 -7.77 3.15 -33.45
C ASP A 308 -8.24 3.42 -32.03
N TYR A 309 -9.31 2.72 -31.61
CA TYR A 309 -9.86 2.93 -30.28
C TYR A 309 -9.10 2.19 -29.14
N SER A 310 -7.76 1.92 -29.31
CA SER A 310 -6.93 1.26 -28.30
C SER A 310 -5.59 0.75 -28.85
N THR A 311 -4.97 1.53 -29.72
CA THR A 311 -3.70 1.14 -30.32
C THR A 311 -2.46 1.79 -29.68
N GLN A 312 -2.55 2.18 -28.39
CA GLN A 312 -1.41 2.79 -27.73
C GLN A 312 -1.33 2.41 -26.26
N GLU A 313 -0.11 2.48 -25.69
CA GLU A 313 0.23 2.16 -24.31
C GLU A 313 -0.09 3.28 -23.32
N LEU A 314 -0.78 2.94 -22.24
CA LEU A 314 -1.19 3.89 -21.20
C LEU A 314 -0.30 3.77 -19.95
N GLY A 315 0.08 2.54 -19.65
CA GLY A 315 0.92 2.19 -18.53
C GLY A 315 1.52 0.80 -18.69
N LYS A 316 2.34 0.40 -17.74
CA LYS A 316 2.99 -0.89 -17.77
C LYS A 316 2.73 -1.62 -16.45
N THR A 317 2.54 -2.94 -16.50
CA THR A 317 2.36 -3.71 -15.28
C THR A 317 3.48 -4.73 -15.16
N ILE A 318 4.08 -4.81 -13.98
CA ILE A 318 5.10 -5.81 -13.73
C ILE A 318 4.49 -7.04 -13.02
N VAL A 319 3.29 -6.92 -12.44
CA VAL A 319 2.59 -8.03 -11.84
C VAL A 319 1.42 -8.45 -12.74
N TYR A 320 1.01 -9.74 -12.68
CA TYR A 320 -0.17 -10.19 -13.43
C TYR A 320 -1.38 -9.58 -12.72
N LEU A 321 -2.20 -8.81 -13.44
CA LEU A 321 -3.37 -8.18 -12.85
C LEU A 321 -4.45 -9.25 -12.75
N ASP A 322 -4.57 -9.89 -11.58
CA ASP A 322 -5.54 -10.98 -11.40
C ASP A 322 -6.97 -10.47 -11.28
N GLY A 323 -7.65 -10.44 -12.42
CA GLY A 323 -9.04 -10.03 -12.52
C GLY A 323 -9.96 -11.20 -12.83
N SER A 324 -9.59 -12.40 -12.36
CA SER A 324 -10.35 -13.61 -12.62
C SER A 324 -11.42 -13.82 -11.57
N SER A 325 -12.52 -14.45 -11.94
CA SER A 325 -13.61 -14.71 -11.01
C SER A 325 -13.16 -15.58 -9.84
N GLN A 326 -12.39 -16.62 -10.12
CA GLN A 326 -11.87 -17.56 -9.12
C GLN A 326 -11.17 -16.88 -7.98
N SER A 327 -10.50 -15.74 -8.26
CA SER A 327 -9.79 -15.00 -7.24
C SER A 327 -10.62 -13.85 -6.74
N CYS A 328 -11.12 -12.98 -7.64
CA CYS A 328 -11.85 -11.77 -7.27
C CYS A 328 -13.17 -11.98 -6.57
N ARG A 329 -13.74 -13.18 -6.66
CA ARG A 329 -15.00 -13.45 -5.98
C ARG A 329 -14.85 -14.35 -4.75
N PHE A 330 -13.60 -14.76 -4.38
CA PHE A 330 -13.35 -15.65 -3.24
C PHE A 330 -12.30 -15.11 -2.26
N ARG A 331 -11.36 -14.33 -2.76
CA ARG A 331 -10.31 -13.75 -1.94
C ARG A 331 -9.95 -12.36 -2.46
N GLU A 332 -9.07 -11.64 -1.76
CA GLU A 332 -8.63 -10.32 -2.15
C GLU A 332 -7.77 -10.50 -3.40
N CYS A 333 -8.21 -10.00 -4.56
CA CYS A 333 -7.42 -10.12 -5.79
C CYS A 333 -6.74 -8.80 -6.04
N ASN A 334 -5.46 -8.83 -6.46
CA ASN A 334 -4.68 -7.61 -6.66
C ASN A 334 -5.32 -6.65 -7.65
N MET A 335 -6.12 -7.14 -8.60
CA MET A 335 -6.82 -6.26 -9.53
C MET A 335 -7.82 -5.39 -8.77
N GLY A 336 -8.55 -5.99 -7.83
CA GLY A 336 -9.50 -5.27 -6.99
C GLY A 336 -8.83 -4.20 -6.14
N ASN A 337 -7.60 -4.48 -5.69
CA ASN A 337 -6.77 -3.58 -4.90
C ASN A 337 -6.35 -2.40 -5.76
N LEU A 338 -5.91 -2.67 -7.01
CA LEU A 338 -5.52 -1.65 -7.96
C LEU A 338 -6.66 -0.65 -8.21
N ILE A 339 -7.85 -1.15 -8.58
CA ILE A 339 -9.02 -0.34 -8.85
C ILE A 339 -9.40 0.49 -7.65
N CYS A 340 -9.37 -0.11 -6.46
CA CYS A 340 -9.66 0.64 -5.25
C CYS A 340 -8.64 1.76 -5.01
N ASP A 341 -7.34 1.51 -5.26
CA ASP A 341 -6.32 2.55 -5.13
C ASP A 341 -6.59 3.67 -6.12
N ALA A 342 -6.89 3.32 -7.37
CA ALA A 342 -7.20 4.27 -8.43
C ALA A 342 -8.38 5.17 -8.06
N MET A 343 -9.41 4.56 -7.44
CA MET A 343 -10.62 5.26 -6.99
C MET A 343 -10.28 6.38 -5.99
N ILE A 344 -9.61 6.04 -4.87
CA ILE A 344 -9.26 7.02 -3.85
C ILE A 344 -8.27 8.04 -4.40
N ASN A 345 -7.32 7.60 -5.23
CA ASN A 345 -6.37 8.52 -5.86
C ASN A 345 -7.10 9.55 -6.75
N ASN A 346 -8.27 9.21 -7.29
CA ASN A 346 -9.03 10.15 -8.10
C ASN A 346 -9.72 11.31 -7.27
N ASN A 347 -9.54 11.36 -5.92
CA ASN A 347 -10.14 12.40 -5.06
C ASN A 347 -9.14 13.20 -4.23
N VAL A 359 -11.69 11.16 1.64
CA VAL A 359 -12.13 9.77 1.51
C VAL A 359 -11.00 8.85 1.79
N SER A 360 -11.30 7.73 2.44
CA SER A 360 -10.27 6.73 2.74
C SER A 360 -10.68 5.31 2.36
N MET A 361 -11.97 5.10 2.08
CA MET A 361 -12.47 3.78 1.82
C MET A 361 -13.09 3.61 0.45
N CYS A 362 -12.87 2.44 -0.10
CA CYS A 362 -13.35 2.02 -1.38
C CYS A 362 -13.91 0.62 -1.17
N ILE A 363 -15.03 0.34 -1.83
CA ILE A 363 -15.66 -0.98 -1.84
C ILE A 363 -16.01 -1.32 -3.29
N LEU A 364 -15.90 -2.61 -3.64
CA LEU A 364 -16.02 -3.03 -5.02
C LEU A 364 -16.50 -4.43 -5.13
N ASN A 365 -17.55 -4.64 -5.90
CA ASN A 365 -18.10 -5.96 -6.11
C ASN A 365 -17.20 -6.70 -7.06
N GLY A 366 -16.77 -7.89 -6.66
CA GLY A 366 -15.89 -8.72 -7.47
C GLY A 366 -16.51 -9.09 -8.80
N GLY A 367 -17.82 -9.07 -8.87
CA GLY A 367 -18.56 -9.37 -10.09
C GLY A 367 -18.22 -8.42 -11.21
N GLY A 368 -17.97 -7.17 -10.86
CA GLY A 368 -17.61 -6.11 -11.81
C GLY A 368 -16.23 -6.25 -12.42
N ILE A 369 -15.42 -7.19 -11.91
CA ILE A 369 -14.09 -7.49 -12.45
C ILE A 369 -14.30 -8.61 -13.46
N ARG A 370 -14.46 -8.20 -14.70
CA ARG A 370 -14.81 -9.07 -15.81
C ARG A 370 -13.61 -9.71 -16.53
N SER A 371 -12.40 -9.14 -16.36
CA SER A 371 -11.23 -9.69 -17.02
C SER A 371 -9.93 -9.37 -16.32
N PRO A 372 -9.03 -10.36 -16.28
CA PRO A 372 -7.67 -10.07 -15.78
C PRO A 372 -6.88 -9.33 -16.87
N ILE A 373 -5.63 -8.92 -16.56
CA ILE A 373 -4.76 -8.30 -17.55
C ILE A 373 -3.41 -9.02 -17.48
N ASP A 374 -2.89 -9.49 -18.62
CA ASP A 374 -1.62 -10.23 -18.69
C ASP A 374 -0.35 -9.34 -18.86
N GLU A 375 0.59 -9.48 -17.92
CA GLU A 375 1.83 -8.72 -17.87
C GLU A 375 2.92 -9.21 -18.82
N ARG A 376 2.72 -10.38 -19.48
CA ARG A 376 3.75 -10.96 -20.35
C ARG A 376 4.00 -10.19 -21.65
N ASN A 377 3.02 -9.36 -22.06
CA ASN A 377 3.19 -8.55 -23.27
C ASN A 377 3.99 -7.29 -22.88
N ASP A 378 5.13 -7.52 -22.17
CA ASP A 378 6.02 -6.54 -21.54
C ASP A 378 5.35 -5.64 -20.49
N GLY A 379 4.04 -5.81 -20.32
CA GLY A 379 3.20 -5.06 -19.41
C GLY A 379 2.37 -3.99 -20.09
N THR A 380 2.48 -3.84 -21.43
CA THR A 380 1.73 -2.81 -22.15
C THR A 380 0.22 -2.85 -21.87
N ILE A 381 -0.28 -1.87 -21.11
CA ILE A 381 -1.70 -1.79 -20.75
C ILE A 381 -2.40 -0.82 -21.69
N THR A 382 -3.10 -1.36 -22.69
CA THR A 382 -3.83 -0.52 -23.64
C THR A 382 -5.28 -0.27 -23.26
N TRP A 383 -5.93 0.71 -23.89
CA TRP A 383 -7.32 1.06 -23.64
C TRP A 383 -8.24 -0.20 -23.69
N GLU A 384 -7.90 -1.12 -24.59
CA GLU A 384 -8.55 -2.39 -24.84
C GLU A 384 -8.38 -3.31 -23.62
N ASN A 385 -7.17 -3.54 -23.14
CA ASN A 385 -6.97 -4.60 -22.11
C ASN A 385 -7.98 -4.41 -20.97
N LEU A 386 -8.52 -3.20 -20.88
CA LEU A 386 -9.01 -2.56 -19.63
C LEU A 386 -10.50 -2.33 -19.80
N ALA A 387 -10.87 -1.93 -21.00
CA ALA A 387 -12.30 -2.00 -21.32
C ALA A 387 -12.85 -3.47 -21.27
N ALA A 388 -11.98 -4.44 -20.98
CA ALA A 388 -12.37 -5.82 -20.77
C ALA A 388 -12.61 -6.02 -19.26
N VAL A 389 -11.72 -5.44 -18.41
CA VAL A 389 -11.85 -5.44 -16.95
C VAL A 389 -13.13 -4.69 -16.60
N LEU A 390 -13.28 -3.45 -17.13
CA LEU A 390 -14.44 -2.62 -16.86
C LEU A 390 -15.19 -2.36 -18.16
N PRO A 391 -16.11 -3.25 -18.55
CA PRO A 391 -16.82 -3.05 -19.82
C PRO A 391 -18.14 -2.28 -19.76
N PHE A 392 -18.73 -2.07 -18.56
CA PHE A 392 -20.07 -1.50 -18.40
C PHE A 392 -20.24 0.03 -18.49
N GLY A 393 -19.17 0.80 -18.36
CA GLY A 393 -19.27 2.25 -18.48
C GLY A 393 -19.99 2.93 -17.34
N GLY A 394 -19.92 2.34 -16.15
CA GLY A 394 -20.47 2.95 -14.95
C GLY A 394 -19.56 4.03 -14.41
N THR A 395 -19.75 4.43 -13.17
CA THR A 395 -18.94 5.48 -12.53
C THR A 395 -18.49 5.07 -11.12
N PHE A 396 -17.56 5.82 -10.52
CA PHE A 396 -17.17 5.62 -9.13
C PHE A 396 -17.73 6.75 -8.29
N ASP A 397 -18.89 6.50 -7.71
CA ASP A 397 -19.69 7.44 -6.93
C ASP A 397 -19.31 7.54 -5.45
N LEU A 398 -19.49 8.75 -4.88
CA LEU A 398 -19.21 8.99 -3.47
C LEU A 398 -20.45 8.70 -2.67
N VAL A 399 -20.27 8.10 -1.50
CA VAL A 399 -21.40 7.79 -0.62
C VAL A 399 -21.11 8.18 0.83
N GLN A 400 -22.16 8.37 1.64
CA GLN A 400 -22.01 8.58 3.07
C GLN A 400 -22.76 7.41 3.70
N LEU A 401 -22.04 6.60 4.47
CA LEU A 401 -22.59 5.39 5.07
C LEU A 401 -22.42 5.37 6.57
N LYS A 402 -23.26 4.62 7.27
CA LYS A 402 -23.12 4.42 8.70
C LYS A 402 -22.26 3.16 8.90
N GLY A 403 -21.58 3.05 10.05
CA GLY A 403 -20.83 1.85 10.39
C GLY A 403 -21.71 0.60 10.38
N SER A 404 -22.93 0.75 10.88
CA SER A 404 -23.91 -0.32 10.89
C SER A 404 -24.20 -0.80 9.47
N THR A 405 -24.35 0.16 8.53
CA THR A 405 -24.63 -0.05 7.11
C THR A 405 -23.46 -0.77 6.46
N LEU A 406 -22.23 -0.40 6.81
CA LEU A 406 -21.04 -1.06 6.25
C LEU A 406 -20.85 -2.46 6.79
N LYS A 407 -21.13 -2.67 8.07
CA LYS A 407 -21.05 -3.98 8.70
C LYS A 407 -22.01 -4.99 7.99
N LYS A 408 -23.21 -4.50 7.62
CA LYS A 408 -24.25 -5.26 6.92
C LYS A 408 -23.78 -5.67 5.54
N ALA A 409 -23.11 -4.75 4.83
CA ALA A 409 -22.63 -5.02 3.49
C ALA A 409 -21.55 -6.09 3.54
N PHE A 410 -20.66 -6.04 4.55
CA PHE A 410 -19.63 -7.07 4.70
C PHE A 410 -20.22 -8.42 5.07
N GLU A 411 -21.31 -8.39 5.83
CA GLU A 411 -22.04 -9.59 6.17
C GLU A 411 -22.66 -10.21 4.94
N HIS A 412 -23.16 -9.37 4.01
CA HIS A 412 -23.73 -9.79 2.74
C HIS A 412 -22.64 -10.36 1.83
N SER A 413 -21.46 -9.74 1.83
CA SER A 413 -20.27 -10.11 1.07
C SER A 413 -19.97 -11.60 1.11
N VAL A 414 -20.12 -12.22 2.28
CA VAL A 414 -19.89 -13.66 2.48
C VAL A 414 -21.16 -14.41 2.92
N HIS A 415 -22.36 -13.85 2.65
CA HIS A 415 -23.61 -14.48 3.03
C HIS A 415 -23.79 -15.82 2.31
N ARG A 416 -23.48 -15.89 1.00
CA ARG A 416 -23.55 -17.15 0.25
C ARG A 416 -22.17 -17.50 -0.37
N TYR A 417 -21.10 -17.19 0.39
CA TYR A 417 -19.73 -17.40 -0.02
C TYR A 417 -19.47 -18.82 -0.62
N GLY A 418 -18.65 -18.88 -1.66
CA GLY A 418 -18.28 -20.14 -2.29
C GLY A 418 -19.13 -20.55 -3.47
N GLN A 419 -19.92 -19.63 -4.00
CA GLN A 419 -20.80 -19.92 -5.11
C GLN A 419 -20.52 -18.99 -6.31
N SER A 420 -19.25 -18.58 -6.50
CA SER A 420 -18.79 -17.63 -7.52
C SER A 420 -19.75 -16.43 -7.78
N THR A 421 -20.47 -15.99 -6.73
CA THR A 421 -21.38 -14.84 -6.77
C THR A 421 -20.54 -13.55 -6.62
N GLY A 422 -20.94 -12.51 -7.34
CA GLY A 422 -20.23 -11.24 -7.39
C GLY A 422 -20.33 -10.30 -6.21
N GLU A 423 -21.11 -10.66 -5.18
CA GLU A 423 -21.25 -9.77 -4.02
C GLU A 423 -20.04 -9.85 -3.07
N PHE A 424 -18.97 -10.57 -3.44
CA PHE A 424 -17.75 -10.54 -2.62
C PHE A 424 -17.10 -9.19 -2.84
N LEU A 425 -16.76 -8.52 -1.74
CA LEU A 425 -16.16 -7.20 -1.82
C LEU A 425 -14.65 -7.23 -1.82
N GLN A 426 -14.07 -6.42 -2.71
CA GLN A 426 -12.68 -6.04 -2.86
C GLN A 426 -12.65 -4.64 -2.23
N VAL A 427 -11.65 -4.34 -1.39
CA VAL A 427 -11.65 -3.09 -0.66
C VAL A 427 -10.38 -2.25 -0.81
N GLY A 428 -10.50 -0.98 -0.43
CA GLY A 428 -9.42 -0.01 -0.39
C GLY A 428 -9.54 0.74 0.91
N GLY A 429 -8.49 0.73 1.71
CA GLY A 429 -8.50 1.44 2.99
C GLY A 429 -9.41 0.82 4.03
N ILE A 430 -9.68 -0.48 3.89
CA ILE A 430 -10.51 -1.25 4.82
C ILE A 430 -9.78 -2.54 5.05
N HIS A 431 -9.73 -3.01 6.30
CA HIS A 431 -9.08 -4.27 6.62
C HIS A 431 -10.08 -5.18 7.32
N VAL A 432 -10.74 -6.04 6.53
CA VAL A 432 -11.82 -6.95 6.97
C VAL A 432 -11.35 -8.37 7.17
N VAL A 433 -11.78 -9.02 8.25
CA VAL A 433 -11.46 -10.42 8.48
C VAL A 433 -12.73 -11.19 8.69
N TYR A 434 -12.91 -12.29 7.92
CA TYR A 434 -14.10 -13.13 7.95
C TYR A 434 -13.84 -14.52 8.59
N ASP A 435 -14.90 -15.12 9.15
CA ASP A 435 -14.88 -16.46 9.76
C ASP A 435 -16.04 -17.20 9.18
N LEU A 436 -15.78 -18.02 8.17
CA LEU A 436 -16.81 -18.78 7.49
C LEU A 436 -17.40 -19.93 8.33
N SER A 437 -16.72 -20.31 9.44
CA SER A 437 -17.22 -21.34 10.36
C SER A 437 -18.54 -20.87 11.03
N ARG A 438 -18.64 -19.58 11.32
CA ARG A 438 -19.83 -19.00 11.95
C ARG A 438 -21.05 -18.96 11.01
N LYS A 439 -22.22 -18.61 11.55
CA LYS A 439 -23.47 -18.54 10.80
C LYS A 439 -23.56 -17.26 9.96
N PRO A 440 -24.07 -17.36 8.72
CA PRO A 440 -24.26 -16.14 7.89
C PRO A 440 -25.08 -15.07 8.63
N GLY A 441 -24.48 -13.90 8.79
CA GLY A 441 -25.05 -12.83 9.58
C GLY A 441 -24.13 -12.44 10.73
N ASP A 442 -23.23 -13.36 11.11
CA ASP A 442 -22.23 -13.14 12.13
C ASP A 442 -20.91 -13.74 11.70
N ARG A 443 -20.54 -13.54 10.44
CA ARG A 443 -19.29 -14.05 9.92
C ARG A 443 -18.17 -13.03 9.92
N VAL A 444 -18.48 -11.71 9.98
CA VAL A 444 -17.43 -10.68 10.03
C VAL A 444 -16.81 -10.63 11.43
N VAL A 445 -15.50 -10.83 11.55
CA VAL A 445 -14.80 -10.85 12.84
C VAL A 445 -13.98 -9.55 13.08
N LYS A 446 -13.56 -8.88 12.01
CA LYS A 446 -12.83 -7.63 12.13
C LYS A 446 -13.16 -6.74 10.92
N LEU A 447 -13.16 -5.42 11.14
CA LEU A 447 -13.44 -4.44 10.11
C LEU A 447 -12.79 -3.13 10.55
N ASP A 448 -11.46 -3.04 10.41
CA ASP A 448 -10.73 -1.83 10.81
C ASP A 448 -10.66 -0.93 9.61
N VAL A 449 -11.08 0.32 9.78
CA VAL A 449 -11.16 1.25 8.67
C VAL A 449 -10.14 2.39 8.79
N LEU A 450 -9.77 2.98 7.66
CA LEU A 450 -8.76 4.03 7.63
C LEU A 450 -9.34 5.36 8.08
N CYS A 451 -8.77 5.97 9.12
CA CYS A 451 -9.29 7.23 9.63
C CYS A 451 -9.02 8.43 8.71
N THR A 452 -9.97 9.39 8.73
CA THR A 452 -9.92 10.59 7.92
C THR A 452 -9.78 11.87 8.81
N LYS A 453 -10.42 11.93 10.01
CA LYS A 453 -10.25 13.12 10.89
C LYS A 453 -8.82 13.25 11.47
N CYS A 454 -8.09 12.15 11.46
CA CYS A 454 -6.73 12.02 11.95
C CYS A 454 -5.76 12.72 11.01
N ARG A 455 -4.60 13.16 11.55
CA ARG A 455 -3.58 13.82 10.74
C ARG A 455 -2.70 12.83 10.00
N VAL A 456 -2.48 11.65 10.62
CA VAL A 456 -1.75 10.52 10.09
C VAL A 456 -2.78 9.38 9.97
N PRO A 457 -2.96 8.76 8.78
CA PRO A 457 -3.96 7.71 8.66
C PRO A 457 -3.56 6.41 9.33
N SER A 458 -4.46 5.90 10.14
CA SER A 458 -4.27 4.66 10.88
C SER A 458 -5.58 3.89 10.88
N TYR A 459 -5.46 2.58 10.98
CA TYR A 459 -6.64 1.72 10.98
C TYR A 459 -7.22 1.56 12.36
N ASP A 460 -8.45 2.03 12.49
CA ASP A 460 -9.19 1.97 13.73
C ASP A 460 -10.47 1.17 13.49
N PRO A 461 -10.84 0.28 14.43
CA PRO A 461 -12.06 -0.51 14.24
C PRO A 461 -13.30 0.30 13.92
N LEU A 462 -14.14 -0.25 13.06
CA LEU A 462 -15.36 0.44 12.66
C LEU A 462 -16.37 0.57 13.83
N LYS A 463 -17.00 1.74 13.96
CA LYS A 463 -18.01 2.06 14.98
C LYS A 463 -19.36 2.10 14.26
N MET A 464 -20.38 1.40 14.78
CA MET A 464 -21.70 1.39 14.13
C MET A 464 -22.32 2.77 14.01
N ASP A 465 -22.17 3.55 15.06
CA ASP A 465 -22.73 4.89 15.19
C ASP A 465 -21.86 6.00 14.58
N GLU A 466 -20.87 5.66 13.74
CA GLU A 466 -20.06 6.67 13.08
C GLU A 466 -20.37 6.70 11.57
N VAL A 467 -20.22 7.87 10.95
CA VAL A 467 -20.54 8.01 9.53
C VAL A 467 -19.29 8.13 8.66
N TYR A 468 -19.13 7.18 7.76
CA TYR A 468 -17.97 7.03 6.89
C TYR A 468 -18.25 7.41 5.48
N LYS A 469 -17.24 7.94 4.78
CA LYS A 469 -17.39 8.35 3.37
C LYS A 469 -16.69 7.32 2.49
N VAL A 470 -17.48 6.54 1.73
CA VAL A 470 -16.96 5.44 0.90
C VAL A 470 -17.16 5.72 -0.57
N ILE A 471 -16.17 5.40 -1.41
CA ILE A 471 -16.31 5.52 -2.85
C ILE A 471 -16.63 4.14 -3.41
N LEU A 472 -17.66 4.03 -4.25
CA LEU A 472 -18.03 2.73 -4.80
C LEU A 472 -18.70 2.84 -6.17
N PRO A 473 -18.77 1.76 -6.98
CA PRO A 473 -19.41 1.89 -8.29
C PRO A 473 -20.88 2.27 -8.21
N ASN A 474 -21.37 2.88 -9.30
CA ASN A 474 -22.76 3.27 -9.50
C ASN A 474 -23.69 2.06 -9.26
N PHE A 475 -23.26 0.87 -9.67
CA PHE A 475 -23.99 -0.39 -9.52
C PHE A 475 -24.32 -0.70 -8.07
N LEU A 476 -23.37 -0.47 -7.17
CA LEU A 476 -23.60 -0.70 -5.75
C LEU A 476 -24.41 0.45 -5.11
N ALA A 477 -24.24 1.67 -5.62
CA ALA A 477 -24.99 2.82 -5.12
C ALA A 477 -26.42 2.57 -5.60
N ASN A 478 -26.61 2.00 -6.80
CA ASN A 478 -27.99 1.76 -7.30
C ASN A 478 -28.72 0.69 -6.46
N GLY A 479 -27.96 -0.10 -5.70
CA GLY A 479 -28.48 -1.05 -4.71
C GLY A 479 -28.36 -2.44 -5.29
N GLY A 480 -27.51 -2.59 -6.32
CA GLY A 480 -27.28 -3.84 -7.02
C GLY A 480 -26.67 -4.93 -6.16
N ASP A 481 -26.56 -6.14 -6.72
CA ASP A 481 -26.02 -7.32 -6.03
C ASP A 481 -26.67 -7.59 -4.67
N GLY A 482 -27.93 -7.20 -4.55
CA GLY A 482 -28.69 -7.40 -3.32
C GLY A 482 -28.28 -6.47 -2.19
N PHE A 483 -27.42 -5.49 -2.48
CA PHE A 483 -26.95 -4.53 -1.49
C PHE A 483 -27.98 -3.40 -1.32
N GLN A 484 -29.20 -3.81 -0.97
CA GLN A 484 -30.33 -2.93 -0.72
C GLN A 484 -30.01 -2.02 0.45
N MET A 485 -29.25 -2.50 1.46
CA MET A 485 -28.87 -1.68 2.60
C MET A 485 -28.08 -0.42 2.17
N ILE A 486 -27.22 -0.52 1.13
CA ILE A 486 -26.46 0.63 0.62
C ILE A 486 -27.45 1.69 0.09
N LYS A 487 -28.36 1.28 -0.81
CA LYS A 487 -29.39 2.11 -1.46
C LYS A 487 -30.45 2.63 -0.52
N ASP A 488 -30.87 1.82 0.46
CA ASP A 488 -31.90 2.15 1.43
C ASP A 488 -31.40 2.79 2.72
N GLU A 489 -30.07 2.91 2.93
CA GLU A 489 -29.53 3.47 4.18
C GLU A 489 -28.41 4.51 4.00
N LEU A 490 -28.10 4.89 2.75
CA LEU A 490 -27.04 5.87 2.54
C LEU A 490 -27.49 7.28 2.94
N LEU A 491 -26.56 8.10 3.36
CA LEU A 491 -26.87 9.47 3.74
C LEU A 491 -26.72 10.44 2.58
N ARG A 492 -25.79 10.18 1.66
CA ARG A 492 -25.55 11.07 0.53
C ARG A 492 -24.91 10.30 -0.60
N HIS A 493 -25.40 10.51 -1.82
CA HIS A 493 -24.83 9.88 -2.99
C HIS A 493 -24.37 10.97 -3.96
N ASP A 494 -23.27 10.75 -4.66
CA ASP A 494 -22.72 11.76 -5.57
C ASP A 494 -22.21 11.16 -6.87
N SER A 495 -22.57 11.79 -8.00
CA SER A 495 -22.17 11.32 -9.34
C SER A 495 -20.65 11.51 -9.55
N GLY A 496 -19.92 10.41 -9.57
CA GLY A 496 -18.49 10.43 -9.75
C GLY A 496 -18.05 10.33 -11.19
N ASP A 497 -16.76 10.14 -11.40
CA ASP A 497 -16.20 10.04 -12.75
C ASP A 497 -16.38 8.65 -13.35
N GLN A 498 -16.23 8.53 -14.67
CA GLN A 498 -16.34 7.29 -15.44
C GLN A 498 -15.31 6.23 -14.98
N ASP A 499 -15.79 5.02 -14.69
CA ASP A 499 -14.97 3.90 -14.19
C ASP A 499 -13.65 3.66 -14.92
N ILE A 500 -13.66 3.54 -16.26
CA ILE A 500 -12.45 3.28 -17.02
C ILE A 500 -11.51 4.44 -16.91
N ASN A 501 -12.02 5.67 -17.04
CA ASN A 501 -11.17 6.84 -17.01
C ASN A 501 -10.53 7.07 -15.63
N VAL A 502 -11.10 6.51 -14.55
CA VAL A 502 -10.48 6.59 -13.22
C VAL A 502 -9.22 5.69 -13.20
N VAL A 503 -9.33 4.50 -13.81
CA VAL A 503 -8.21 3.56 -13.87
C VAL A 503 -7.20 3.99 -14.94
N SER A 504 -7.67 4.59 -16.05
CA SER A 504 -6.86 5.09 -17.15
C SER A 504 -5.97 6.26 -16.72
N THR A 505 -6.57 7.24 -16.00
CA THR A 505 -5.80 8.39 -15.50
C THR A 505 -4.80 7.95 -14.42
N TYR A 506 -5.17 6.96 -13.59
CA TYR A 506 -4.31 6.45 -12.54
C TYR A 506 -3.11 5.68 -13.11
N ILE A 507 -3.35 4.83 -14.10
CA ILE A 507 -2.29 4.03 -14.70
C ILE A 507 -1.24 4.93 -15.35
N SER A 508 -1.67 5.96 -16.10
CA SER A 508 -0.78 6.91 -16.78
C SER A 508 0.06 7.70 -15.76
N LYS A 509 -0.57 8.09 -14.63
CA LYS A 509 0.06 8.80 -13.55
C LYS A 509 1.12 7.92 -12.87
N MET A 510 0.85 6.62 -12.74
CA MET A 510 1.78 5.71 -12.09
C MET A 510 2.90 5.23 -12.98
N LYS A 511 2.67 5.21 -14.33
CA LYS A 511 3.62 4.76 -15.38
C LYS A 511 3.87 3.23 -15.34
N VAL A 512 4.35 2.68 -14.20
CA VAL A 512 4.56 1.25 -13.98
C VAL A 512 3.87 0.83 -12.68
N ILE A 513 2.91 -0.12 -12.77
CA ILE A 513 2.12 -0.59 -11.63
C ILE A 513 2.47 -2.01 -11.18
N TYR A 514 2.21 -2.29 -9.90
CA TYR A 514 2.54 -3.57 -9.28
C TYR A 514 1.70 -3.89 -8.02
N PRO A 515 0.35 -3.90 -8.12
CA PRO A 515 -0.48 -4.21 -6.93
C PRO A 515 -0.18 -5.56 -6.29
N ALA A 516 -0.53 -5.75 -5.01
CA ALA A 516 -0.27 -7.01 -4.33
C ALA A 516 -1.42 -7.43 -3.39
N VAL A 517 -1.52 -8.74 -3.08
CA VAL A 517 -2.48 -9.24 -2.09
C VAL A 517 -1.75 -8.95 -0.80
N GLU A 518 -2.11 -7.84 -0.13
CA GLU A 518 -1.37 -7.38 1.04
C GLU A 518 -2.07 -7.57 2.37
N GLY A 519 -3.10 -8.41 2.41
CA GLY A 519 -3.81 -8.71 3.65
C GLY A 519 -5.01 -7.84 3.95
N ARG A 520 -5.55 -7.12 2.95
CA ARG A 520 -6.74 -6.27 3.11
C ARG A 520 -7.95 -7.08 3.51
N ILE A 521 -8.10 -8.28 2.91
CA ILE A 521 -9.18 -9.22 3.21
C ILE A 521 -8.53 -10.49 3.77
N LYS A 522 -8.95 -10.91 4.97
CA LYS A 522 -8.38 -12.08 5.63
C LYS A 522 -9.45 -13.06 6.12
N PHE A 523 -9.03 -14.29 6.41
CA PHE A 523 -9.95 -15.32 6.85
C PHE A 523 -9.41 -16.15 7.99
N SER A 524 -10.27 -16.50 8.96
CA SER A 524 -9.98 -17.39 10.09
C SER A 524 -9.66 -18.84 9.61
N MET B 1 30.73 30.27 49.88
CA MET B 1 29.30 30.10 49.55
C MET B 1 29.05 30.66 48.14
N TRP B 2 29.55 29.93 47.10
CA TRP B 2 29.59 30.40 45.72
C TRP B 2 28.42 30.00 44.84
N GLU B 3 27.88 30.96 44.08
CA GLU B 3 26.75 30.67 43.20
C GLU B 3 27.13 30.65 41.73
N LEU B 4 27.00 29.47 41.09
CA LEU B 4 27.27 29.31 39.67
C LEU B 4 25.99 28.83 38.94
N THR B 5 25.67 29.44 37.80
CA THR B 5 24.53 29.04 36.97
C THR B 5 25.10 28.45 35.68
N ILE B 6 24.77 27.20 35.39
CA ILE B 6 25.20 26.56 34.16
C ILE B 6 24.02 26.54 33.22
N LEU B 7 24.20 27.13 32.05
CA LEU B 7 23.25 27.15 30.95
C LEU B 7 23.79 26.20 29.89
N HIS B 8 22.95 25.29 29.37
CA HIS B 8 23.45 24.31 28.41
C HIS B 8 22.47 23.84 27.31
N THR B 9 23.05 23.64 26.13
CA THR B 9 22.40 23.10 24.95
C THR B 9 23.15 21.84 24.54
N ASN B 10 22.46 20.90 23.89
CA ASN B 10 23.04 19.59 23.51
C ASN B 10 22.33 19.07 22.25
N ASP B 11 23.08 18.66 21.22
CA ASP B 11 22.44 18.01 20.07
C ASP B 11 21.52 18.97 19.28
N VAL B 12 21.88 20.25 19.22
CA VAL B 12 21.11 21.26 18.50
C VAL B 12 20.88 20.85 17.04
N HIS B 13 21.84 20.14 16.45
CA HIS B 13 21.77 19.60 15.12
C HIS B 13 21.29 20.58 14.03
N SER B 14 21.94 21.73 13.96
CA SER B 14 21.74 22.77 12.95
C SER B 14 20.38 23.48 12.99
N ARG B 15 19.76 23.61 14.17
CA ARG B 15 18.49 24.32 14.28
C ARG B 15 18.75 25.78 14.65
N LEU B 16 19.55 26.45 13.84
CA LEU B 16 19.91 27.85 14.06
C LEU B 16 18.70 28.73 13.84
N GLU B 17 17.95 28.43 12.80
CA GLU B 17 16.71 29.12 12.45
C GLU B 17 15.61 28.48 13.30
N GLN B 18 14.68 29.26 13.85
CA GLN B 18 13.61 28.70 14.68
C GLN B 18 12.80 27.58 13.97
N THR B 19 12.37 26.57 14.74
CA THR B 19 11.67 25.39 14.25
C THR B 19 10.21 25.25 14.80
N SER B 20 9.45 24.24 14.33
CA SER B 20 8.08 24.01 14.83
C SER B 20 8.13 23.25 16.18
N GLU B 21 6.95 22.96 16.76
CA GLU B 21 6.84 22.20 18.00
C GLU B 21 7.55 20.83 17.90
N ASP B 22 7.62 20.26 16.65
CA ASP B 22 8.26 18.98 16.34
C ASP B 22 9.65 19.12 15.70
N SER B 23 10.28 20.29 15.83
CA SER B 23 11.61 20.61 15.30
C SER B 23 11.72 20.54 13.77
N SER B 24 10.57 20.48 13.06
CA SER B 24 10.57 20.55 11.60
C SER B 24 10.69 22.06 11.22
N LYS B 25 10.68 22.42 9.91
CA LYS B 25 10.78 23.83 9.50
C LYS B 25 9.66 24.66 10.11
N CYS B 26 9.96 25.89 10.56
CA CYS B 26 8.99 26.79 11.20
C CYS B 26 7.87 27.11 10.22
N VAL B 27 6.65 26.60 10.49
CA VAL B 27 5.53 26.83 9.61
C VAL B 27 4.77 28.08 10.09
N ASP B 28 4.12 28.00 11.28
CA ASP B 28 3.41 29.14 11.86
C ASP B 28 4.43 29.88 12.72
N ALA B 29 4.86 31.09 12.32
CA ALA B 29 5.88 31.83 13.06
C ALA B 29 5.40 32.42 14.40
N SER B 30 4.08 32.53 14.59
CA SER B 30 3.53 33.04 15.85
C SER B 30 3.56 31.97 16.94
N ARG B 31 3.50 30.68 16.56
CA ARG B 31 3.56 29.57 17.50
C ARG B 31 4.86 28.79 17.26
N CYS B 32 5.98 29.50 16.98
CA CYS B 32 7.24 28.81 16.70
C CYS B 32 8.21 28.82 17.88
N MET B 33 9.25 27.96 17.82
CA MET B 33 10.18 27.75 18.92
C MET B 33 11.67 27.68 18.55
N GLY B 34 12.53 27.68 19.58
CA GLY B 34 13.98 27.51 19.50
C GLY B 34 14.74 28.50 18.65
N GLY B 35 15.91 28.09 18.20
CA GLY B 35 16.75 28.94 17.39
C GLY B 35 17.84 29.68 18.16
N VAL B 36 18.92 30.03 17.45
CA VAL B 36 20.09 30.72 17.97
C VAL B 36 19.72 32.16 18.43
N ALA B 37 18.82 32.84 17.69
CA ALA B 37 18.44 34.21 18.04
C ALA B 37 17.56 34.22 19.26
N ARG B 38 16.57 33.31 19.33
CA ARG B 38 15.68 33.26 20.49
C ARG B 38 16.49 32.90 21.75
N LEU B 39 17.46 31.97 21.62
CA LEU B 39 18.31 31.56 22.73
C LEU B 39 19.13 32.75 23.24
N PHE B 40 19.61 33.60 22.33
CA PHE B 40 20.39 34.80 22.70
C PHE B 40 19.66 35.69 23.67
N THR B 41 18.36 35.81 23.51
CA THR B 41 17.55 36.61 24.39
C THR B 41 17.53 36.00 25.80
N LYS B 42 17.21 34.70 25.93
CA LYS B 42 17.13 34.05 27.24
C LYS B 42 18.46 33.94 27.94
N VAL B 43 19.52 33.69 27.18
CA VAL B 43 20.89 33.61 27.71
C VAL B 43 21.29 34.97 28.30
N GLN B 44 21.15 36.05 27.52
CA GLN B 44 21.45 37.39 27.95
C GLN B 44 20.62 37.78 29.17
N GLN B 45 19.34 37.33 29.21
CA GLN B 45 18.40 37.57 30.31
C GLN B 45 18.87 36.87 31.59
N ILE B 46 19.43 35.66 31.45
CA ILE B 46 19.94 34.95 32.61
C ILE B 46 21.24 35.57 33.09
N ARG B 47 22.15 35.84 32.14
CA ARG B 47 23.47 36.43 32.37
C ARG B 47 23.44 37.69 33.22
N ARG B 48 22.46 38.58 33.05
CA ARG B 48 22.46 39.87 33.81
C ARG B 48 21.75 39.71 35.14
N ALA B 49 20.95 38.65 35.26
CA ALA B 49 20.27 38.33 36.52
C ALA B 49 21.17 37.57 37.50
N GLU B 50 21.93 36.62 37.01
CA GLU B 50 22.80 35.81 37.85
C GLU B 50 24.23 36.37 37.89
N PRO B 51 24.99 36.03 38.95
CA PRO B 51 26.35 36.56 39.07
C PRO B 51 27.44 35.85 38.29
N ASN B 52 27.48 34.51 38.33
CA ASN B 52 28.51 33.69 37.68
C ASN B 52 27.80 32.68 36.80
N VAL B 53 27.88 32.82 35.46
CA VAL B 53 27.14 31.97 34.52
C VAL B 53 28.05 31.29 33.52
N LEU B 54 27.67 30.11 33.01
CA LEU B 54 28.45 29.40 32.00
C LEU B 54 27.55 28.87 30.91
N LEU B 55 27.72 29.31 29.65
CA LEU B 55 26.94 28.76 28.55
C LEU B 55 27.76 27.63 27.92
N LEU B 56 27.31 26.39 28.09
CA LEU B 56 28.05 25.23 27.59
C LEU B 56 27.28 24.45 26.54
N ASP B 57 28.00 23.69 25.71
CA ASP B 57 27.39 22.86 24.67
C ASP B 57 27.96 21.45 24.74
N ALA B 58 27.11 20.40 24.73
CA ALA B 58 27.63 19.04 24.83
C ALA B 58 27.69 18.30 23.50
N GLY B 59 27.98 19.04 22.43
CA GLY B 59 28.16 18.43 21.12
C GLY B 59 26.99 18.44 20.17
N ASP B 60 27.22 17.85 19.00
CA ASP B 60 26.26 17.71 17.91
C ASP B 60 25.57 19.02 17.39
N GLN B 61 26.35 20.05 17.06
CA GLN B 61 25.81 21.22 16.36
C GLN B 61 25.70 20.85 14.86
N TYR B 62 26.68 20.07 14.35
CA TYR B 62 26.83 19.53 13.01
C TYR B 62 25.65 18.64 12.65
N GLN B 63 25.37 18.56 11.35
CA GLN B 63 24.32 17.77 10.69
C GLN B 63 22.90 17.93 11.28
N GLY B 64 21.89 17.91 10.42
CA GLY B 64 20.52 18.01 10.90
C GLY B 64 19.61 18.75 9.96
N THR B 65 20.10 19.88 9.46
CA THR B 65 19.38 20.76 8.53
C THR B 65 20.30 21.15 7.35
N ILE B 66 19.71 21.85 6.35
CA ILE B 66 20.39 22.39 5.18
C ILE B 66 21.43 23.48 5.55
N TRP B 67 21.33 24.10 6.77
CA TRP B 67 22.32 25.05 7.25
C TRP B 67 23.70 24.41 7.28
N PHE B 68 23.76 23.12 7.69
CA PHE B 68 25.00 22.37 7.75
C PHE B 68 25.41 21.89 6.36
N THR B 69 24.45 21.48 5.54
CA THR B 69 24.75 21.01 4.17
C THR B 69 25.47 22.11 3.37
N VAL B 70 25.02 23.35 3.50
CA VAL B 70 25.60 24.48 2.81
C VAL B 70 26.90 25.04 3.43
N TYR B 71 26.90 25.37 4.74
CA TYR B 71 28.05 26.01 5.36
C TYR B 71 29.05 25.08 6.02
N LYS B 72 28.64 23.84 6.31
CA LYS B 72 29.46 22.76 6.87
C LYS B 72 30.33 23.14 8.08
N GLY B 73 29.82 24.01 8.95
CA GLY B 73 30.55 24.41 10.15
C GLY B 73 30.75 25.91 10.29
N ALA B 74 30.59 26.64 9.18
CA ALA B 74 30.71 28.10 9.18
C ALA B 74 29.61 28.73 10.01
N GLU B 75 28.40 28.16 9.95
CA GLU B 75 27.27 28.61 10.72
C GLU B 75 27.52 28.37 12.22
N VAL B 76 27.98 27.18 12.59
CA VAL B 76 28.22 26.78 13.97
C VAL B 76 29.25 27.69 14.60
N ALA B 77 30.45 27.81 14.01
CA ALA B 77 31.48 28.69 14.54
C ALA B 77 31.00 30.15 14.60
N HIS B 78 30.39 30.67 13.51
CA HIS B 78 29.93 32.07 13.50
C HIS B 78 28.89 32.39 14.58
N PHE B 79 27.82 31.60 14.68
CA PHE B 79 26.75 31.86 15.63
C PHE B 79 27.04 31.44 17.05
N MET B 80 27.84 30.40 17.26
CA MET B 80 28.25 30.04 18.62
C MET B 80 29.16 31.16 19.16
N ASN B 81 30.01 31.74 18.29
CA ASN B 81 30.86 32.89 18.63
C ASN B 81 29.99 34.09 18.98
N ALA B 82 28.93 34.31 18.19
CA ALA B 82 27.97 35.39 18.39
C ALA B 82 27.30 35.25 19.78
N LEU B 83 26.75 34.04 20.08
CA LEU B 83 26.13 33.70 21.37
C LEU B 83 27.13 33.66 22.51
N ARG B 84 28.43 33.94 22.26
CA ARG B 84 29.48 33.99 23.28
CA ARG B 84 29.50 33.96 23.26
C ARG B 84 29.53 32.71 24.14
N TYR B 85 29.48 31.52 23.53
CA TYR B 85 29.56 30.25 24.25
C TYR B 85 30.86 30.17 25.05
N ASP B 86 30.78 29.59 26.25
CA ASP B 86 31.95 29.47 27.09
C ASP B 86 32.77 28.26 26.71
N ALA B 87 32.11 27.10 26.53
CA ALA B 87 32.82 25.89 26.16
C ALA B 87 31.90 24.89 25.44
N MET B 88 32.48 23.99 24.66
CA MET B 88 31.72 22.98 23.94
C MET B 88 32.49 21.70 23.87
N ALA B 89 31.85 20.54 24.15
CA ALA B 89 32.50 19.23 24.03
C ALA B 89 32.30 18.75 22.61
N LEU B 90 33.24 17.97 22.08
CA LEU B 90 33.10 17.43 20.73
C LEU B 90 32.06 16.33 20.72
N GLY B 91 31.17 16.39 19.75
CA GLY B 91 30.12 15.39 19.56
C GLY B 91 30.49 14.42 18.46
N ASN B 92 29.81 13.27 18.39
CA ASN B 92 30.10 12.28 17.36
C ASN B 92 29.83 12.81 15.96
N HIS B 93 28.79 13.63 15.79
CA HIS B 93 28.47 14.18 14.49
C HIS B 93 29.44 15.25 14.00
N GLU B 94 30.31 15.78 14.90
CA GLU B 94 31.33 16.75 14.51
C GLU B 94 32.37 16.16 13.57
N PHE B 95 32.52 14.83 13.57
CA PHE B 95 33.45 14.13 12.69
C PHE B 95 32.77 13.62 11.42
N ASP B 96 31.48 13.95 11.19
CA ASP B 96 30.73 13.51 10.01
C ASP B 96 31.45 13.89 8.71
N ASN B 97 32.03 15.09 8.68
CA ASN B 97 32.76 15.56 7.51
C ASN B 97 34.25 15.27 7.61
N GLY B 98 34.62 14.08 8.08
CA GLY B 98 36.02 13.71 8.25
C GLY B 98 36.72 14.55 9.30
N VAL B 99 38.04 14.34 9.48
CA VAL B 99 38.75 15.12 10.50
C VAL B 99 39.01 16.55 10.02
N GLU B 100 39.26 16.76 8.71
CA GLU B 100 39.48 18.10 8.17
C GLU B 100 38.20 18.94 8.29
N GLY B 101 37.07 18.31 7.96
CA GLY B 101 35.76 18.90 8.10
C GLY B 101 35.33 18.82 9.56
N LEU B 102 35.98 19.68 10.37
CA LEU B 102 35.89 19.90 11.81
C LEU B 102 36.98 20.93 12.15
N ILE B 103 38.20 20.73 11.64
CA ILE B 103 39.32 21.60 11.93
C ILE B 103 39.22 22.88 11.11
N GLU B 104 38.93 22.74 9.80
CA GLU B 104 38.88 23.93 8.95
C GLU B 104 37.76 24.92 9.33
N PRO B 105 36.47 24.52 9.44
CA PRO B 105 35.43 25.50 9.78
C PRO B 105 35.27 25.82 11.27
N LEU B 106 35.23 24.81 12.13
CA LEU B 106 35.01 25.02 13.55
C LEU B 106 36.31 25.20 14.40
N LEU B 107 37.12 24.15 14.56
CA LEU B 107 38.30 24.18 15.40
C LEU B 107 39.23 25.37 15.19
N LYS B 108 39.26 25.93 13.99
CA LYS B 108 40.12 27.09 13.71
C LYS B 108 39.38 28.42 13.94
N GLU B 109 38.04 28.44 13.77
CA GLU B 109 37.30 29.69 13.90
C GLU B 109 36.59 29.93 15.25
N ALA B 110 36.55 28.92 16.13
CA ALA B 110 35.89 29.07 17.42
C ALA B 110 36.66 29.90 18.44
N LYS B 111 35.98 30.93 18.96
CA LYS B 111 36.47 31.84 19.97
C LYS B 111 36.05 31.29 21.34
N PHE B 112 36.30 29.99 21.57
CA PHE B 112 35.97 29.30 22.82
C PHE B 112 36.62 27.94 22.86
N PRO B 113 36.98 27.45 24.05
CA PRO B 113 37.64 26.13 24.13
C PRO B 113 36.72 24.97 23.73
N ILE B 114 37.18 24.14 22.78
CA ILE B 114 36.42 22.96 22.36
C ILE B 114 37.10 21.79 23.04
N LEU B 115 36.38 21.08 23.92
CA LEU B 115 36.99 20.08 24.76
C LEU B 115 36.78 18.62 24.35
N SER B 116 37.69 17.72 24.85
CA SER B 116 37.67 16.27 24.71
C SER B 116 38.89 15.58 25.26
N ALA B 117 38.75 14.94 26.42
CA ALA B 117 39.84 14.24 27.07
C ALA B 117 40.07 12.82 26.57
N ASN B 118 39.07 12.17 25.95
CA ASN B 118 39.24 10.77 25.55
C ASN B 118 39.57 10.59 24.04
N ILE B 119 39.88 11.69 23.33
CA ILE B 119 40.32 11.58 21.94
C ILE B 119 41.79 11.88 21.92
N LYS B 120 42.61 10.94 21.47
CA LYS B 120 44.05 11.15 21.38
C LYS B 120 44.49 11.11 19.92
N ALA B 121 45.51 11.90 19.54
CA ALA B 121 45.94 11.94 18.14
C ALA B 121 47.27 11.26 17.86
N LYS B 122 47.42 10.72 16.64
CA LYS B 122 48.64 10.03 16.26
C LYS B 122 49.14 10.40 14.86
N GLY B 123 50.44 10.22 14.63
CA GLY B 123 51.11 10.43 13.34
C GLY B 123 50.98 11.78 12.66
N PRO B 124 50.46 11.79 11.40
CA PRO B 124 50.35 13.06 10.64
C PRO B 124 49.37 14.06 11.25
N LEU B 125 48.21 13.56 11.67
CA LEU B 125 47.17 14.34 12.30
C LEU B 125 47.58 14.87 13.67
N ALA B 126 48.47 14.14 14.38
CA ALA B 126 48.95 14.47 15.72
C ALA B 126 49.24 15.96 15.94
N SER B 127 50.11 16.57 15.09
CA SER B 127 50.47 17.98 15.22
C SER B 127 49.48 18.92 14.54
N GLN B 128 48.75 18.44 13.51
CA GLN B 128 47.75 19.25 12.82
C GLN B 128 46.70 19.78 13.82
N ILE B 129 45.99 18.84 14.48
CA ILE B 129 44.96 19.11 15.48
C ILE B 129 45.53 19.35 16.89
N SER B 130 46.85 19.51 17.04
CA SER B 130 47.43 19.77 18.35
C SER B 130 47.08 21.17 18.80
N GLY B 131 46.35 21.25 19.91
CA GLY B 131 45.99 22.52 20.51
C GLY B 131 44.66 23.09 20.07
N LEU B 132 44.09 22.55 18.99
CA LEU B 132 42.79 23.00 18.50
C LEU B 132 41.69 22.56 19.48
N TYR B 133 41.80 21.33 19.98
CA TYR B 133 40.96 20.87 21.06
C TYR B 133 41.85 20.58 22.26
N LEU B 134 41.28 20.72 23.45
CA LEU B 134 41.97 20.48 24.71
C LEU B 134 41.18 19.47 25.51
N PRO B 135 41.85 18.69 26.37
CA PRO B 135 41.11 17.74 27.21
C PRO B 135 40.26 18.43 28.31
N TYR B 136 40.68 19.63 28.73
CA TYR B 136 40.04 20.43 29.76
C TYR B 136 40.28 21.92 29.57
N LYS B 137 39.46 22.76 30.21
CA LYS B 137 39.70 24.19 30.22
C LYS B 137 39.39 24.77 31.57
N VAL B 138 40.33 25.53 32.13
CA VAL B 138 40.15 26.16 33.44
C VAL B 138 39.69 27.60 33.24
N LEU B 139 38.37 27.80 33.17
CA LEU B 139 37.78 29.12 32.97
C LEU B 139 37.72 29.93 34.25
N PRO B 140 38.13 31.21 34.17
CA PRO B 140 38.02 32.07 35.36
C PRO B 140 36.59 32.63 35.46
N VAL B 141 35.83 32.15 36.45
CA VAL B 141 34.45 32.62 36.64
C VAL B 141 34.43 33.44 37.91
N GLY B 142 34.21 34.75 37.78
CA GLY B 142 34.25 35.65 38.92
C GLY B 142 35.64 35.68 39.53
N ASP B 143 35.73 35.34 40.82
CA ASP B 143 37.02 35.24 41.50
C ASP B 143 37.22 33.81 41.96
N GLU B 144 36.92 32.85 41.07
CA GLU B 144 37.03 31.42 41.27
C GLU B 144 37.40 30.79 39.92
N VAL B 145 37.93 29.57 39.96
CA VAL B 145 38.23 28.86 38.75
C VAL B 145 37.33 27.66 38.62
N VAL B 146 36.89 27.34 37.40
CA VAL B 146 36.03 26.21 37.18
C VAL B 146 36.66 25.38 36.10
N GLY B 147 36.92 24.13 36.39
CA GLY B 147 37.51 23.23 35.43
C GLY B 147 36.48 22.43 34.68
N ILE B 148 36.47 22.53 33.37
CA ILE B 148 35.54 21.74 32.55
C ILE B 148 36.34 20.64 31.83
N VAL B 149 35.97 19.37 31.96
CA VAL B 149 36.66 18.29 31.27
C VAL B 149 35.73 17.71 30.23
N GLY B 150 36.20 17.62 29.00
CA GLY B 150 35.37 17.12 27.93
C GLY B 150 35.46 15.63 27.62
N TYR B 151 34.48 15.10 26.87
CA TYR B 151 34.53 13.71 26.44
C TYR B 151 33.60 13.50 25.26
N THR B 152 34.03 12.67 24.33
CA THR B 152 33.22 12.33 23.15
C THR B 152 32.98 10.81 23.14
N SER B 153 31.79 10.34 22.71
CA SER B 153 31.44 8.91 22.64
C SER B 153 32.57 7.97 22.18
N LYS B 154 32.90 6.96 23.00
CA LYS B 154 33.92 5.92 22.76
C LYS B 154 33.74 5.27 21.38
N GLU B 155 32.47 5.12 20.97
CA GLU B 155 32.01 4.50 19.74
C GLU B 155 31.92 5.43 18.53
N THR B 156 32.48 6.65 18.61
CA THR B 156 32.47 7.60 17.49
C THR B 156 33.09 6.98 16.20
N PRO B 157 34.20 6.19 16.25
CA PRO B 157 34.69 5.54 15.02
C PRO B 157 33.64 4.75 14.24
N PHE B 158 32.61 4.22 14.93
CA PHE B 158 31.55 3.46 14.28
C PHE B 158 30.41 4.36 13.84
N LEU B 159 30.03 5.27 14.75
CA LEU B 159 28.90 6.19 14.69
C LEU B 159 29.04 7.32 13.67
N SER B 160 30.25 7.57 13.18
CA SER B 160 30.55 8.63 12.21
C SER B 160 31.95 8.34 11.58
N ASN B 161 32.52 9.22 10.71
CA ASN B 161 33.88 9.00 10.22
C ASN B 161 34.85 9.94 10.94
N PRO B 162 35.49 9.49 12.04
CA PRO B 162 36.39 10.37 12.76
C PRO B 162 37.84 10.30 12.27
N GLY B 163 38.03 9.91 11.03
CA GLY B 163 39.38 9.74 10.50
C GLY B 163 39.99 8.42 10.92
N THR B 164 41.32 8.35 10.91
CA THR B 164 42.03 7.12 11.28
C THR B 164 43.17 7.42 12.28
N ASN B 165 43.64 8.68 12.36
CA ASN B 165 44.67 9.05 13.32
C ASN B 165 44.12 9.60 14.64
N LEU B 166 42.83 9.37 14.91
CA LEU B 166 42.22 9.73 16.17
C LEU B 166 41.84 8.45 16.87
N VAL B 167 42.13 8.41 18.15
CA VAL B 167 41.87 7.23 18.96
C VAL B 167 40.93 7.57 20.11
N PHE B 168 39.83 6.81 20.21
CA PHE B 168 38.83 7.03 21.23
C PHE B 168 38.97 6.01 22.35
N GLU B 169 39.70 6.44 23.38
CA GLU B 169 39.92 5.74 24.63
C GLU B 169 38.65 5.75 25.46
N ASP B 170 38.52 4.87 26.47
CA ASP B 170 37.34 4.88 27.35
C ASP B 170 37.15 6.19 28.12
N GLU B 171 35.90 6.68 28.20
CA GLU B 171 35.62 7.93 28.87
C GLU B 171 36.12 7.96 30.31
N ILE B 172 35.51 7.18 31.21
CA ILE B 172 35.84 7.15 32.62
C ILE B 172 37.36 6.93 32.85
N THR B 173 38.01 6.07 32.04
CA THR B 173 39.45 5.83 32.16
C THR B 173 40.29 7.04 31.77
N ALA B 174 39.92 7.75 30.68
CA ALA B 174 40.68 8.92 30.26
C ALA B 174 40.35 10.17 31.06
N LEU B 175 39.14 10.24 31.63
CA LEU B 175 38.72 11.40 32.40
C LEU B 175 39.43 11.46 33.75
N GLN B 176 39.52 10.33 34.47
CA GLN B 176 40.08 10.29 35.81
C GLN B 176 41.47 10.92 35.97
N PRO B 177 42.50 10.62 35.15
CA PRO B 177 43.81 11.28 35.35
C PRO B 177 43.77 12.78 35.14
N GLU B 178 42.84 13.26 34.28
CA GLU B 178 42.67 14.66 33.96
C GLU B 178 41.96 15.43 35.04
N VAL B 179 41.01 14.79 35.74
CA VAL B 179 40.29 15.35 36.88
C VAL B 179 41.24 15.40 38.09
N ASP B 180 42.01 14.29 38.29
CA ASP B 180 43.00 14.20 39.36
C ASP B 180 44.07 15.28 39.13
N LYS B 181 44.49 15.51 37.86
CA LYS B 181 45.45 16.55 37.50
C LYS B 181 44.93 17.93 37.93
N LEU B 182 43.67 18.22 37.58
CA LEU B 182 43.04 19.48 37.91
C LEU B 182 42.94 19.67 39.39
N LYS B 183 42.61 18.62 40.14
CA LYS B 183 42.53 18.72 41.59
C LYS B 183 43.87 19.09 42.21
N THR B 184 44.96 18.49 41.71
CA THR B 184 46.29 18.83 42.18
C THR B 184 46.68 20.25 41.76
N LEU B 185 46.16 20.72 40.61
CA LEU B 185 46.34 22.08 40.13
C LEU B 185 45.45 23.10 40.91
N ASN B 186 44.91 22.69 42.08
CA ASN B 186 44.04 23.44 42.93
C ASN B 186 42.78 23.98 42.22
N VAL B 187 42.15 23.16 41.37
CA VAL B 187 40.90 23.53 40.71
C VAL B 187 39.80 22.74 41.39
N ASN B 188 39.14 23.37 42.40
CA ASN B 188 38.13 22.86 43.32
C ASN B 188 36.76 22.45 42.70
N LYS B 189 36.34 23.09 41.60
CA LYS B 189 35.08 22.76 40.95
C LYS B 189 35.37 22.09 39.64
N ILE B 190 34.73 20.94 39.37
CA ILE B 190 34.89 20.25 38.09
C ILE B 190 33.56 19.89 37.44
N ILE B 191 33.27 20.48 36.27
CA ILE B 191 32.06 20.11 35.54
C ILE B 191 32.53 19.29 34.33
N ALA B 192 31.99 18.09 34.13
CA ALA B 192 32.38 17.24 33.01
C ALA B 192 31.35 17.50 31.92
N LEU B 193 31.81 17.84 30.73
CA LEU B 193 30.93 18.17 29.62
C LEU B 193 31.22 17.14 28.52
N GLY B 194 30.23 16.35 28.12
CA GLY B 194 30.47 15.32 27.12
C GLY B 194 29.30 14.74 26.35
N HIS B 195 29.63 14.07 25.25
CA HIS B 195 28.65 13.55 24.31
C HIS B 195 28.71 12.03 24.24
N SER B 196 28.22 11.37 25.29
CA SER B 196 28.22 9.91 25.34
C SER B 196 26.84 9.29 25.70
N GLY B 197 25.86 10.12 25.99
CA GLY B 197 24.54 9.64 26.34
C GLY B 197 24.34 9.64 27.84
N PHE B 198 23.06 9.59 28.24
CA PHE B 198 22.60 9.57 29.61
C PHE B 198 23.22 8.46 30.51
N GLU B 199 23.09 7.16 30.13
CA GLU B 199 23.63 6.03 30.92
C GLU B 199 25.10 6.18 31.15
N MET B 200 25.86 6.59 30.11
CA MET B 200 27.29 6.81 30.27
C MET B 200 27.57 8.01 31.18
N ASP B 201 26.73 9.08 31.11
CA ASP B 201 26.86 10.27 31.98
C ASP B 201 26.73 9.83 33.44
N LYS B 202 25.69 9.02 33.76
CA LYS B 202 25.47 8.55 35.13
C LYS B 202 26.57 7.73 35.81
N LEU B 203 27.28 6.88 35.03
CA LEU B 203 28.41 6.12 35.53
C LEU B 203 29.70 6.97 35.70
N ILE B 204 29.80 8.01 34.86
CA ILE B 204 30.87 9.01 34.86
C ILE B 204 30.70 9.75 36.16
N ALA B 205 29.47 10.14 36.48
CA ALA B 205 29.13 10.83 37.72
C ALA B 205 29.40 9.97 38.94
N GLN B 206 29.04 8.69 38.89
CA GLN B 206 29.26 7.78 40.01
C GLN B 206 30.73 7.40 40.12
N LYS B 207 31.37 7.10 38.99
CA LYS B 207 32.73 6.57 39.00
C LYS B 207 33.88 7.62 39.02
N VAL B 208 33.90 8.64 38.12
CA VAL B 208 35.01 9.60 38.11
C VAL B 208 35.06 10.47 39.38
N ARG B 209 35.93 10.08 40.32
CA ARG B 209 36.13 10.78 41.59
C ARG B 209 36.58 12.21 41.38
N GLY B 210 35.80 13.15 41.90
CA GLY B 210 36.13 14.55 41.77
C GLY B 210 35.22 15.35 40.88
N VAL B 211 34.42 14.69 40.01
CA VAL B 211 33.50 15.43 39.15
C VAL B 211 32.35 15.96 39.98
N ASP B 212 32.28 17.27 40.13
CA ASP B 212 31.22 17.91 40.90
C ASP B 212 29.86 17.91 40.15
N VAL B 213 29.85 17.96 38.79
CA VAL B 213 28.60 17.94 38.01
C VAL B 213 28.84 17.42 36.58
N VAL B 214 27.86 16.67 36.05
CA VAL B 214 27.92 16.15 34.69
C VAL B 214 26.87 16.82 33.77
N VAL B 215 27.33 17.40 32.67
CA VAL B 215 26.47 18.04 31.71
C VAL B 215 26.68 17.30 30.41
N GLY B 216 25.73 16.47 30.02
CA GLY B 216 25.88 15.61 28.85
C GLY B 216 24.95 15.86 27.68
N GLY B 217 25.06 14.99 26.68
CA GLY B 217 24.26 15.02 25.47
C GLY B 217 24.21 13.66 24.78
N HIS B 218 24.08 13.66 23.46
CA HIS B 218 24.04 12.51 22.57
C HIS B 218 22.71 11.75 22.53
N SER B 219 22.14 11.42 23.68
CA SER B 219 20.92 10.63 23.76
C SER B 219 19.63 11.41 23.66
N ASN B 220 19.68 12.76 23.56
CA ASN B 220 18.52 13.66 23.48
C ASN B 220 17.59 13.56 24.70
N THR B 221 18.18 13.27 25.85
CA THR B 221 17.48 13.07 27.10
C THR B 221 16.84 14.34 27.57
N PHE B 222 15.60 14.24 27.99
CA PHE B 222 14.86 15.36 28.48
C PHE B 222 14.60 15.09 29.94
N LEU B 223 15.08 15.96 30.82
CA LEU B 223 14.85 15.80 32.24
C LEU B 223 13.97 16.93 32.74
N TYR B 224 13.07 16.68 33.71
CA TYR B 224 12.21 17.74 34.23
C TYR B 224 11.71 17.51 35.65
N THR B 225 11.77 18.54 36.47
CA THR B 225 11.22 18.49 37.82
C THR B 225 9.91 19.28 37.76
N GLY B 226 8.77 18.60 37.78
CA GLY B 226 7.47 19.26 37.70
C GLY B 226 6.73 18.89 36.44
N ASN B 227 5.72 19.68 36.05
CA ASN B 227 4.91 19.38 34.85
C ASN B 227 5.54 19.94 33.59
N PRO B 228 6.01 19.08 32.67
CA PRO B 228 6.71 19.58 31.48
C PRO B 228 5.93 20.56 30.62
N PRO B 229 6.60 21.57 30.05
CA PRO B 229 5.90 22.56 29.24
C PRO B 229 5.38 22.11 27.86
N SER B 230 5.89 20.98 27.34
CA SER B 230 5.53 20.52 26.00
C SER B 230 5.43 18.98 25.86
N LYS B 231 5.30 18.46 24.61
CA LYS B 231 5.18 17.04 24.26
C LYS B 231 6.29 16.14 24.77
N GLU B 232 7.45 16.72 25.12
CA GLU B 232 8.57 15.92 25.59
C GLU B 232 8.27 15.33 26.93
N VAL B 233 8.32 14.01 27.00
CA VAL B 233 8.07 13.28 28.24
C VAL B 233 9.41 13.12 28.92
N PRO B 234 9.53 13.44 30.22
CA PRO B 234 10.85 13.35 30.86
C PRO B 234 11.29 11.96 31.30
N ALA B 235 12.60 11.71 31.16
CA ALA B 235 13.26 10.47 31.57
C ALA B 235 13.61 10.43 33.08
N GLY B 236 13.58 11.58 33.74
CA GLY B 236 13.87 11.75 35.15
C GLY B 236 13.74 13.20 35.57
N LYS B 237 14.14 13.52 36.81
CA LYS B 237 14.03 14.90 37.29
C LYS B 237 15.27 15.74 36.90
N TYR B 238 15.11 17.06 36.89
CA TYR B 238 16.19 17.98 36.56
C TYR B 238 16.62 18.71 37.83
N PRO B 239 17.86 18.50 38.28
CA PRO B 239 18.88 17.60 37.72
C PRO B 239 18.69 16.16 38.18
N PHE B 240 19.24 15.21 37.40
CA PHE B 240 19.17 13.81 37.76
C PHE B 240 20.25 13.59 38.82
N ILE B 241 19.91 13.10 40.02
CA ILE B 241 20.93 12.94 41.06
C ILE B 241 21.52 11.54 41.18
N VAL B 242 22.80 11.45 40.83
CA VAL B 242 23.61 10.24 40.87
C VAL B 242 24.39 10.22 42.17
N THR B 243 24.44 9.09 42.88
CA THR B 243 25.25 9.00 44.10
C THR B 243 26.60 8.37 43.77
N SER B 244 27.66 9.17 43.78
CA SER B 244 29.02 8.68 43.51
C SER B 244 29.54 7.78 44.64
N ASP B 245 30.52 6.92 44.29
CA ASP B 245 31.18 5.98 45.20
C ASP B 245 31.93 6.69 46.33
N ASP B 246 32.42 7.93 46.07
CA ASP B 246 33.13 8.70 47.09
C ASP B 246 32.18 9.61 47.93
N GLY B 247 30.98 9.10 48.18
CA GLY B 247 29.98 9.74 49.03
C GLY B 247 29.46 11.11 48.63
N ARG B 248 29.36 11.38 47.33
CA ARG B 248 28.81 12.66 46.88
C ARG B 248 27.52 12.46 46.06
N LYS B 249 26.70 13.52 45.98
CA LYS B 249 25.48 13.50 45.18
C LYS B 249 25.82 14.38 43.99
N VAL B 250 26.07 13.75 42.84
CA VAL B 250 26.46 14.44 41.62
C VAL B 250 25.29 14.67 40.66
N PRO B 251 24.97 15.96 40.39
CA PRO B 251 23.90 16.27 39.46
C PRO B 251 24.29 15.98 38.02
N VAL B 252 23.34 15.45 37.22
CA VAL B 252 23.52 15.10 35.82
C VAL B 252 22.41 15.77 35.00
N VAL B 253 22.78 16.56 33.98
CA VAL B 253 21.78 17.29 33.20
C VAL B 253 21.92 17.09 31.70
N GLN B 254 20.79 17.27 30.99
CA GLN B 254 20.67 17.20 29.54
C GLN B 254 19.48 18.09 29.09
N ALA B 255 19.55 18.72 27.90
CA ALA B 255 18.49 19.62 27.47
C ALA B 255 17.74 19.19 26.21
N TYR B 256 17.40 17.88 26.13
CA TYR B 256 16.67 17.26 25.03
C TYR B 256 17.51 17.36 23.71
N ALA B 257 17.12 18.16 22.70
CA ALA B 257 17.81 18.30 21.41
C ALA B 257 17.16 19.48 20.63
N PHE B 258 17.78 19.89 19.48
CA PHE B 258 17.28 20.89 18.51
C PHE B 258 17.15 22.34 19.07
N GLY B 259 17.68 22.55 20.26
CA GLY B 259 17.63 23.85 20.88
C GLY B 259 16.24 24.26 21.32
N LYS B 260 15.38 23.26 21.55
CA LYS B 260 14.03 23.54 22.02
C LYS B 260 14.07 24.08 23.45
N TYR B 261 15.01 23.56 24.27
CA TYR B 261 15.17 23.96 25.66
C TYR B 261 16.58 24.41 25.97
N LEU B 262 16.71 25.50 26.76
CA LEU B 262 18.02 25.93 27.27
C LEU B 262 18.07 25.37 28.69
N GLY B 263 18.90 24.36 28.92
CA GLY B 263 19.01 23.77 30.25
C GLY B 263 19.58 24.77 31.24
N TYR B 264 18.86 24.99 32.34
CA TYR B 264 19.26 25.93 33.38
C TYR B 264 19.57 25.15 34.64
N LEU B 265 20.71 25.39 35.27
CA LEU B 265 21.07 24.74 36.52
C LEU B 265 21.69 25.67 37.55
N LYS B 266 21.00 25.91 38.66
CA LYS B 266 21.54 26.73 39.74
C LYS B 266 22.35 25.92 40.76
N ILE B 267 23.55 26.40 41.12
CA ILE B 267 24.42 25.66 42.04
C ILE B 267 24.96 26.51 43.21
N GLU B 268 24.80 26.00 44.43
CA GLU B 268 25.41 26.60 45.59
C GLU B 268 26.62 25.70 45.85
N PHE B 269 27.79 26.31 45.92
CA PHE B 269 29.06 25.63 46.14
C PHE B 269 29.64 26.06 47.47
N ASP B 270 30.43 25.19 48.09
CA ASP B 270 31.11 25.53 49.33
C ASP B 270 32.54 26.07 49.05
N GLU B 271 33.27 26.48 50.12
CA GLU B 271 34.64 26.99 50.03
C GLU B 271 35.58 26.06 49.30
N ARG B 272 35.31 24.76 49.39
CA ARG B 272 36.17 23.73 48.82
C ARG B 272 35.73 23.21 47.46
N GLY B 273 34.72 23.82 46.84
CA GLY B 273 34.23 23.39 45.53
C GLY B 273 33.43 22.11 45.55
N ASN B 274 32.41 22.08 46.43
CA ASN B 274 31.52 20.96 46.65
C ASN B 274 30.11 21.47 46.56
N VAL B 275 29.26 20.75 45.83
CA VAL B 275 27.86 21.13 45.68
C VAL B 275 27.11 20.95 46.98
N ILE B 276 26.57 22.05 47.49
CA ILE B 276 25.76 21.94 48.75
C ILE B 276 24.32 21.77 48.32
N SER B 277 23.91 22.60 47.37
CA SER B 277 22.56 22.57 46.83
C SER B 277 22.58 22.83 45.32
N SER B 278 21.61 22.29 44.61
CA SER B 278 21.50 22.49 43.18
C SER B 278 20.04 22.35 42.77
N HIS B 279 19.61 23.17 41.83
CA HIS B 279 18.25 23.12 41.32
C HIS B 279 18.18 23.77 39.93
N GLY B 280 17.17 23.38 39.17
CA GLY B 280 16.94 23.96 37.86
C GLY B 280 15.86 23.26 37.09
N ASN B 281 15.77 23.57 35.79
CA ASN B 281 14.85 22.98 34.81
C ASN B 281 15.18 23.51 33.42
N PRO B 282 15.07 22.67 32.39
CA PRO B 282 15.33 23.15 31.03
C PRO B 282 14.26 24.13 30.54
N ILE B 283 14.64 25.38 30.31
CA ILE B 283 13.73 26.43 29.85
C ILE B 283 13.22 26.27 28.42
N LEU B 284 11.90 26.06 28.23
CA LEU B 284 11.27 25.97 26.91
C LEU B 284 11.42 27.27 26.14
N LEU B 285 12.22 27.23 25.08
CA LEU B 285 12.46 28.41 24.25
C LEU B 285 11.33 28.55 23.25
N ASP B 286 10.31 29.36 23.61
CA ASP B 286 9.13 29.53 22.75
C ASP B 286 8.86 31.01 22.36
N SER B 287 7.81 31.28 21.53
CA SER B 287 7.45 32.64 21.10
C SER B 287 7.30 33.64 22.23
N SER B 288 7.08 33.16 23.47
CA SER B 288 6.98 34.01 24.66
C SER B 288 8.32 34.73 25.00
N ILE B 289 9.42 34.27 24.43
CA ILE B 289 10.74 34.86 24.53
C ILE B 289 11.03 35.36 23.12
N PRO B 290 11.21 36.66 22.90
CA PRO B 290 11.44 37.17 21.53
C PRO B 290 12.81 36.80 20.96
N GLU B 291 12.88 36.62 19.63
CA GLU B 291 14.15 36.32 18.99
C GLU B 291 14.96 37.60 18.98
N ASP B 292 16.22 37.58 19.44
CA ASP B 292 17.06 38.78 19.45
C ASP B 292 17.20 39.34 18.05
N PRO B 293 16.88 40.63 17.85
CA PRO B 293 16.83 41.18 16.50
C PRO B 293 18.17 41.26 15.80
N SER B 294 19.20 41.77 16.46
CA SER B 294 20.52 41.92 15.86
C SER B 294 21.05 40.56 15.37
N ILE B 295 20.88 39.51 16.20
CA ILE B 295 21.37 38.19 15.85
C ILE B 295 20.50 37.53 14.76
N LYS B 296 19.18 37.72 14.82
CA LYS B 296 18.28 37.20 13.81
C LYS B 296 18.53 37.83 12.45
N ALA B 297 18.97 39.10 12.43
CA ALA B 297 19.28 39.80 11.17
C ALA B 297 20.41 39.08 10.43
N ASP B 298 21.44 38.64 11.20
CA ASP B 298 22.59 37.91 10.66
C ASP B 298 22.16 36.54 10.12
N ILE B 299 21.19 35.88 10.78
CA ILE B 299 20.64 34.60 10.31
C ILE B 299 19.96 34.82 8.93
N ASN B 300 19.26 35.95 8.77
CA ASN B 300 18.62 36.30 7.51
C ASN B 300 19.64 36.70 6.42
N LYS B 301 20.69 37.47 6.77
CA LYS B 301 21.75 37.86 5.83
C LYS B 301 22.48 36.63 5.23
N TRP B 302 22.53 35.53 5.97
CA TRP B 302 23.16 34.30 5.49
C TRP B 302 22.13 33.49 4.72
N ARG B 303 20.86 33.42 5.23
CA ARG B 303 19.74 32.65 4.67
C ARG B 303 19.57 32.75 3.16
N ILE B 304 19.87 33.94 2.60
CA ILE B 304 19.78 34.26 1.18
C ILE B 304 20.36 33.14 0.26
N LYS B 305 21.46 32.48 0.68
CA LYS B 305 22.07 31.41 -0.11
C LYS B 305 21.23 30.13 -0.03
N LEU B 306 20.74 29.83 1.16
CA LEU B 306 19.88 28.66 1.37
C LEU B 306 18.50 28.79 0.69
N ASP B 307 18.10 30.01 0.30
CA ASP B 307 16.80 30.25 -0.29
C ASP B 307 16.63 29.60 -1.66
N ASP B 308 17.71 29.45 -2.44
CA ASP B 308 17.59 28.81 -3.75
C ASP B 308 17.49 27.27 -3.62
N TYR B 309 16.94 26.76 -2.50
CA TYR B 309 16.76 25.34 -2.31
C TYR B 309 15.33 24.95 -2.48
N SER B 310 15.07 24.55 -3.73
CA SER B 310 13.83 24.16 -4.41
C SER B 310 12.65 24.91 -3.87
N THR B 311 12.72 26.24 -4.03
CA THR B 311 11.68 27.17 -3.62
C THR B 311 10.52 27.11 -4.68
N GLN B 312 10.10 25.86 -4.96
CA GLN B 312 9.05 25.34 -5.81
C GLN B 312 8.72 23.95 -5.23
N GLU B 313 7.42 23.62 -5.13
CA GLU B 313 6.98 22.35 -4.57
C GLU B 313 7.29 21.11 -5.44
N LEU B 314 8.33 20.32 -5.01
CA LEU B 314 8.69 19.03 -5.62
C LEU B 314 7.46 18.11 -5.62
N GLY B 315 6.70 18.16 -4.54
CA GLY B 315 5.48 17.39 -4.34
C GLY B 315 4.65 17.96 -3.21
N LYS B 316 3.50 17.37 -3.00
CA LYS B 316 2.57 17.82 -1.97
C LYS B 316 2.21 16.65 -1.07
N THR B 317 2.06 16.91 0.24
CA THR B 317 1.63 15.86 1.15
C THR B 317 0.30 16.25 1.77
N ILE B 318 -0.65 15.31 1.78
CA ILE B 318 -1.93 15.54 2.44
C ILE B 318 -1.90 14.95 3.88
N VAL B 319 -0.97 14.04 4.18
CA VAL B 319 -0.82 13.51 5.52
C VAL B 319 0.40 14.14 6.20
N TYR B 320 0.42 14.18 7.55
CA TYR B 320 1.60 14.67 8.28
C TYR B 320 2.65 13.55 8.14
N LEU B 321 3.83 13.87 7.59
CA LEU B 321 4.87 12.87 7.43
C LEU B 321 5.54 12.68 8.78
N ASP B 322 5.10 11.66 9.54
CA ASP B 322 5.62 11.43 10.89
C ASP B 322 7.01 10.83 10.87
N GLY B 323 8.01 11.71 10.95
CA GLY B 323 9.41 11.36 10.99
C GLY B 323 10.03 11.62 12.35
N SER B 324 9.23 11.50 13.40
CA SER B 324 9.67 11.75 14.77
C SER B 324 10.26 10.52 15.39
N SER B 325 11.23 10.67 16.28
CA SER B 325 11.86 9.54 16.96
C SER B 325 10.83 8.72 17.75
N GLN B 326 9.95 9.40 18.48
CA GLN B 326 8.93 8.77 19.31
C GLN B 326 8.09 7.76 18.56
N SER B 327 7.87 8.00 17.26
CA SER B 327 7.08 7.08 16.44
C SER B 327 7.99 6.17 15.65
N CYS B 328 8.97 6.73 14.89
CA CYS B 328 9.83 5.95 14.00
C CYS B 328 10.75 4.97 14.69
N ARG B 329 10.98 5.12 15.99
CA ARG B 329 11.85 4.18 16.70
C ARG B 329 11.09 3.24 17.64
N PHE B 330 9.74 3.30 17.66
CA PHE B 330 8.91 2.48 18.55
C PHE B 330 7.79 1.79 17.80
N ARG B 331 7.35 2.39 16.70
CA ARG B 331 6.31 1.72 15.91
C ARG B 331 6.45 2.10 14.44
N GLU B 332 5.55 1.55 13.63
CA GLU B 332 5.61 1.71 12.18
C GLU B 332 5.18 3.17 11.88
N CYS B 333 6.12 4.06 11.51
CA CYS B 333 5.76 5.46 11.21
C CYS B 333 5.57 5.64 9.73
N ASN B 334 4.55 6.38 9.32
CA ASN B 334 4.24 6.57 7.91
C ASN B 334 5.40 7.14 7.09
N MET B 335 6.29 7.91 7.72
CA MET B 335 7.46 8.43 7.01
C MET B 335 8.36 7.26 6.58
N GLY B 336 8.56 6.30 7.47
CA GLY B 336 9.35 5.10 7.17
C GLY B 336 8.75 4.29 6.03
N ASN B 337 7.41 4.25 5.96
CA ASN B 337 6.64 3.56 4.93
C ASN B 337 6.86 4.25 3.60
N LEU B 338 6.80 5.61 3.60
CA LEU B 338 7.01 6.42 2.41
C LEU B 338 8.39 6.15 1.79
N ILE B 339 9.45 6.26 2.61
CA ILE B 339 10.82 6.04 2.17
C ILE B 339 11.00 4.65 1.62
N CYS B 340 10.44 3.64 2.30
CA CYS B 340 10.51 2.27 1.80
C CYS B 340 9.80 2.12 0.46
N ASP B 341 8.63 2.75 0.27
CA ASP B 341 7.94 2.70 -1.02
C ASP B 341 8.78 3.36 -2.10
N ALA B 342 9.36 4.52 -1.79
CA ALA B 342 10.25 5.26 -2.70
C ALA B 342 11.44 4.40 -3.15
N MET B 343 12.02 3.61 -2.23
CA MET B 343 13.15 2.73 -2.50
C MET B 343 12.86 1.59 -3.48
N ILE B 344 11.74 0.88 -3.26
CA ILE B 344 11.37 -0.19 -4.19
C ILE B 344 10.92 0.42 -5.51
N ASN B 345 10.19 1.55 -5.47
CA ASN B 345 9.79 2.23 -6.70
C ASN B 345 11.02 2.68 -7.53
N ASN B 346 12.11 3.06 -6.82
CA ASN B 346 13.38 3.56 -7.39
C ASN B 346 13.93 2.69 -8.44
N ASN B 347 13.85 1.35 -8.26
CA ASN B 347 14.30 0.37 -9.24
C ASN B 347 13.71 -1.01 -9.04
N VAL B 359 12.94 -6.92 -6.74
CA VAL B 359 12.99 -6.62 -5.30
C VAL B 359 11.63 -6.37 -4.77
N SER B 360 11.38 -6.84 -3.56
CA SER B 360 10.07 -6.65 -2.91
C SER B 360 10.20 -6.11 -1.49
N MET B 361 11.41 -6.16 -0.92
CA MET B 361 11.62 -5.79 0.45
C MET B 361 12.57 -4.64 0.66
N CYS B 362 12.24 -3.83 1.64
CA CYS B 362 13.00 -2.67 2.06
C CYS B 362 12.99 -2.75 3.57
N ILE B 363 14.17 -2.54 4.13
CA ILE B 363 14.34 -2.26 5.59
C ILE B 363 15.10 -0.94 5.78
N LEU B 364 14.80 -0.27 6.89
CA LEU B 364 15.23 1.12 7.23
C LEU B 364 15.38 1.19 8.73
N ASN B 365 16.49 1.74 9.16
CA ASN B 365 16.72 2.05 10.56
C ASN B 365 15.99 3.34 10.89
N GLY B 366 15.16 3.29 11.92
CA GLY B 366 14.40 4.46 12.36
C GLY B 366 15.27 5.62 12.76
N GLY B 367 16.52 5.31 13.13
CA GLY B 367 17.50 6.32 13.52
C GLY B 367 17.80 7.30 12.41
N GLY B 368 17.79 6.80 11.17
CA GLY B 368 18.04 7.59 9.97
C GLY B 368 16.93 8.56 9.62
N ILE B 369 15.77 8.48 10.32
CA ILE B 369 14.65 9.41 10.14
C ILE B 369 14.87 10.51 11.16
N ARG B 370 15.52 11.56 10.70
CA ARG B 370 15.95 12.67 11.52
C ARG B 370 14.92 13.81 11.70
N SER B 371 13.94 13.87 10.81
CA SER B 371 12.93 14.92 10.90
C SER B 371 11.61 14.57 10.27
N PRO B 372 10.51 14.95 10.91
CA PRO B 372 9.20 14.80 10.27
C PRO B 372 9.02 15.91 9.23
N ILE B 373 7.91 15.88 8.48
CA ILE B 373 7.60 16.94 7.53
C ILE B 373 6.17 17.37 7.79
N ASP B 374 5.94 18.68 7.99
CA ASP B 374 4.63 19.23 8.29
C ASP B 374 3.79 19.56 7.03
N GLU B 375 2.63 18.91 6.90
CA GLU B 375 1.70 19.03 5.78
C GLU B 375 0.83 20.32 5.80
N ARG B 376 0.92 21.13 6.87
CA ARG B 376 0.08 22.33 7.02
C ARG B 376 0.52 23.52 6.15
N ASN B 377 1.75 23.49 5.65
CA ASN B 377 2.24 24.55 4.76
C ASN B 377 1.74 24.27 3.32
N ASP B 378 0.40 24.29 3.07
CA ASP B 378 -0.16 24.01 1.74
C ASP B 378 0.38 22.66 1.13
N GLY B 379 0.94 21.80 1.98
CA GLY B 379 1.51 20.51 1.59
C GLY B 379 2.82 20.56 0.83
N THR B 380 3.39 21.75 0.62
CA THR B 380 4.62 21.95 -0.16
C THR B 380 5.87 21.23 0.38
N ILE B 381 6.39 20.30 -0.43
CA ILE B 381 7.61 19.58 -0.09
C ILE B 381 8.78 20.13 -0.90
N THR B 382 9.75 20.70 -0.22
CA THR B 382 10.93 21.27 -0.86
C THR B 382 12.18 20.47 -0.53
N TRP B 383 13.27 20.70 -1.31
CA TRP B 383 14.60 20.13 -1.11
C TRP B 383 15.04 20.40 0.36
N GLU B 384 14.66 21.58 0.93
CA GLU B 384 14.97 21.90 2.32
C GLU B 384 14.35 20.85 3.26
N ASN B 385 13.03 20.64 3.16
CA ASN B 385 12.30 19.68 3.99
C ASN B 385 12.89 18.29 3.94
N LEU B 386 13.26 17.83 2.76
CA LEU B 386 13.82 16.49 2.62
C LEU B 386 15.19 16.37 3.22
N ALA B 387 15.99 17.42 3.12
CA ALA B 387 17.32 17.41 3.71
C ALA B 387 17.26 17.25 5.24
N ALA B 388 16.14 17.61 5.88
CA ALA B 388 16.00 17.43 7.32
C ALA B 388 15.73 15.97 7.68
N VAL B 389 14.92 15.30 6.87
CA VAL B 389 14.59 13.89 7.07
C VAL B 389 15.86 13.07 6.78
N LEU B 390 16.48 13.29 5.62
CA LEU B 390 17.67 12.57 5.21
C LEU B 390 18.83 13.54 5.06
N PRO B 391 19.54 13.85 6.15
CA PRO B 391 20.65 14.81 6.07
C PRO B 391 22.04 14.25 5.74
N PHE B 392 22.25 12.93 5.85
CA PHE B 392 23.57 12.29 5.74
C PHE B 392 24.15 12.04 4.33
N GLY B 393 23.33 12.06 3.29
CA GLY B 393 23.82 11.84 1.93
C GLY B 393 24.26 10.42 1.64
N GLY B 394 23.62 9.47 2.30
CA GLY B 394 23.82 8.06 2.09
C GLY B 394 23.18 7.58 0.79
N THR B 395 22.99 6.29 0.67
CA THR B 395 22.48 5.69 -0.56
C THR B 395 21.68 4.41 -0.29
N PHE B 396 20.73 4.08 -1.18
CA PHE B 396 19.87 2.90 -0.98
C PHE B 396 20.39 1.74 -1.80
N ASP B 397 21.21 0.90 -1.16
CA ASP B 397 21.91 -0.23 -1.73
C ASP B 397 21.14 -1.53 -1.76
N LEU B 398 21.42 -2.38 -2.78
CA LEU B 398 20.80 -3.67 -2.94
C LEU B 398 21.60 -4.70 -2.19
N VAL B 399 20.92 -5.63 -1.53
CA VAL B 399 21.58 -6.70 -0.79
C VAL B 399 20.96 -8.07 -1.08
N GLN B 400 21.71 -9.16 -0.83
CA GLN B 400 21.16 -10.50 -1.00
C GLN B 400 21.34 -11.25 0.32
N LEU B 401 20.34 -11.20 1.21
CA LEU B 401 20.45 -11.82 2.55
C LEU B 401 19.62 -13.08 2.66
N LYS B 402 20.05 -14.03 3.52
CA LYS B 402 19.23 -15.24 3.72
C LYS B 402 18.23 -15.03 4.86
N GLY B 403 17.16 -15.82 4.84
CA GLY B 403 16.07 -15.71 5.81
C GLY B 403 16.53 -15.71 7.25
N SER B 404 17.51 -16.54 7.55
CA SER B 404 18.11 -16.63 8.88
C SER B 404 18.69 -15.29 9.30
N THR B 405 19.40 -14.63 8.36
CA THR B 405 20.04 -13.33 8.52
C THR B 405 18.98 -12.28 8.77
N LEU B 406 17.87 -12.30 8.00
CA LEU B 406 16.79 -11.33 8.19
C LEU B 406 16.06 -11.52 9.50
N LYS B 407 15.84 -12.77 9.92
CA LYS B 407 15.21 -13.09 11.20
C LYS B 407 16.04 -12.49 12.38
N LYS B 408 17.39 -12.55 12.25
CA LYS B 408 18.34 -12.03 13.22
C LYS B 408 18.26 -10.51 13.31
N ALA B 409 18.11 -9.84 12.16
CA ALA B 409 18.00 -8.40 12.12
C ALA B 409 16.72 -7.95 12.79
N PHE B 410 15.61 -8.69 12.59
CA PHE B 410 14.35 -8.36 13.25
C PHE B 410 14.41 -8.59 14.75
N GLU B 411 15.17 -9.61 15.18
CA GLU B 411 15.40 -9.82 16.61
C GLU B 411 16.21 -8.68 17.19
N HIS B 412 17.19 -8.17 16.42
CA HIS B 412 17.99 -7.05 16.86
C HIS B 412 17.13 -5.79 16.97
N SER B 413 16.22 -5.59 16.01
CA SER B 413 15.27 -4.49 15.93
C SER B 413 14.59 -4.17 17.26
N VAL B 414 14.21 -5.21 18.02
CA VAL B 414 13.57 -5.06 19.33
C VAL B 414 14.39 -5.68 20.47
N HIS B 415 15.71 -5.85 20.29
CA HIS B 415 16.57 -6.44 21.30
C HIS B 415 16.63 -5.54 22.56
N ARG B 416 16.71 -4.21 22.40
CA ARG B 416 16.69 -3.29 23.55
C ARG B 416 15.54 -2.28 23.39
N TYR B 417 14.40 -2.77 22.85
CA TYR B 417 13.22 -1.95 22.59
C TYR B 417 12.80 -1.06 23.77
N GLY B 418 12.39 0.16 23.46
CA GLY B 418 11.91 1.11 24.45
C GLY B 418 12.94 2.07 24.96
N GLN B 419 14.09 2.16 24.26
CA GLN B 419 15.16 3.04 24.68
C GLN B 419 15.52 4.05 23.60
N SER B 420 14.55 4.49 22.79
CA SER B 420 14.70 5.40 21.65
C SER B 420 15.97 5.14 20.78
N THR B 421 16.40 3.86 20.70
CA THR B 421 17.53 3.44 19.88
C THR B 421 17.09 3.28 18.42
N GLY B 422 17.96 3.66 17.50
CA GLY B 422 17.66 3.66 16.08
C GLY B 422 17.65 2.35 15.33
N GLU B 423 17.93 1.22 16.03
CA GLU B 423 17.92 -0.09 15.35
C GLU B 423 16.52 -0.64 15.13
N PHE B 424 15.46 0.10 15.47
CA PHE B 424 14.10 -0.35 15.20
C PHE B 424 13.89 -0.18 13.68
N LEU B 425 13.42 -1.22 13.02
CA LEU B 425 13.26 -1.21 11.59
C LEU B 425 11.89 -0.80 11.15
N GLN B 426 11.85 0.03 10.10
CA GLN B 426 10.71 0.48 9.29
C GLN B 426 10.87 -0.38 8.03
N VAL B 427 9.77 -0.95 7.54
CA VAL B 427 9.86 -1.89 6.42
C VAL B 427 8.98 -1.56 5.21
N GLY B 428 9.31 -2.20 4.10
CA GLY B 428 8.57 -2.12 2.85
C GLY B 428 8.44 -3.52 2.31
N GLY B 429 7.22 -3.99 2.06
CA GLY B 429 6.99 -5.34 1.55
C GLY B 429 7.31 -6.45 2.53
N ILE B 430 7.27 -6.14 3.83
CA ILE B 430 7.53 -7.08 4.91
C ILE B 430 6.45 -6.85 5.94
N HIS B 431 5.89 -7.92 6.50
CA HIS B 431 4.86 -7.79 7.52
C HIS B 431 5.32 -8.56 8.76
N VAL B 432 5.95 -7.83 9.70
CA VAL B 432 6.55 -8.36 10.93
C VAL B 432 5.69 -8.14 12.15
N VAL B 433 5.57 -9.16 13.00
CA VAL B 433 4.83 -9.02 14.24
C VAL B 433 5.71 -9.41 15.40
N TYR B 434 5.83 -8.54 16.41
CA TYR B 434 6.68 -8.73 17.59
C TYR B 434 5.86 -9.00 18.88
N ASP B 435 6.47 -9.71 19.85
CA ASP B 435 5.89 -10.01 21.15
C ASP B 435 6.95 -9.64 22.15
N LEU B 436 6.83 -8.45 22.75
CA LEU B 436 7.82 -7.95 23.72
C LEU B 436 7.80 -8.69 25.07
N SER B 437 6.73 -9.47 25.34
CA SER B 437 6.64 -10.29 26.57
C SER B 437 7.75 -11.36 26.57
N ARG B 438 8.06 -11.92 25.39
CA ARG B 438 9.10 -12.95 25.25
C ARG B 438 10.52 -12.41 25.51
N LYS B 439 11.52 -13.32 25.56
CA LYS B 439 12.91 -12.96 25.87
C LYS B 439 13.61 -12.39 24.64
N PRO B 440 14.43 -11.33 24.77
CA PRO B 440 15.17 -10.81 23.59
C PRO B 440 15.98 -11.90 22.90
N GLY B 441 15.65 -12.15 21.64
CA GLY B 441 16.19 -13.24 20.83
C GLY B 441 15.08 -14.18 20.37
N ASP B 442 13.89 -14.07 21.02
CA ASP B 442 12.65 -14.80 20.79
C ASP B 442 11.44 -13.80 20.64
N ARG B 443 11.70 -12.52 20.37
CA ARG B 443 10.66 -11.51 20.25
C ARG B 443 9.90 -11.47 18.91
N VAL B 444 10.38 -12.11 17.84
CA VAL B 444 9.66 -12.08 16.55
C VAL B 444 8.67 -13.24 16.44
N VAL B 445 7.38 -12.94 16.23
CA VAL B 445 6.31 -13.95 16.16
C VAL B 445 5.83 -14.20 14.70
N LYS B 446 5.99 -13.22 13.83
CA LYS B 446 5.62 -13.36 12.42
C LYS B 446 6.57 -12.50 11.57
N LEU B 447 6.85 -12.95 10.34
CA LEU B 447 7.68 -12.25 9.39
C LEU B 447 7.31 -12.73 8.01
N ASP B 448 6.16 -12.27 7.49
CA ASP B 448 5.69 -12.68 6.17
C ASP B 448 6.23 -11.71 5.18
N VAL B 449 6.89 -12.22 4.15
CA VAL B 449 7.55 -11.38 3.18
C VAL B 449 6.89 -11.46 1.81
N LEU B 450 7.07 -10.41 1.02
CA LEU B 450 6.45 -10.32 -0.29
C LEU B 450 7.20 -11.16 -1.31
N CYS B 451 6.50 -12.13 -1.94
CA CYS B 451 7.16 -13.01 -2.89
C CYS B 451 7.54 -12.33 -4.21
N THR B 452 8.66 -12.77 -4.80
CA THR B 452 9.18 -12.21 -6.05
C THR B 452 9.12 -13.24 -7.21
N LYS B 453 9.38 -14.56 -6.96
CA LYS B 453 9.27 -15.54 -8.07
C LYS B 453 7.83 -15.81 -8.51
N CYS B 454 6.87 -15.36 -7.72
CA CYS B 454 5.45 -15.47 -7.98
C CYS B 454 5.03 -14.47 -9.06
N ARG B 455 3.93 -14.77 -9.78
CA ARG B 455 3.42 -13.87 -10.81
C ARG B 455 2.58 -12.75 -10.21
N VAL B 456 1.87 -13.05 -9.11
CA VAL B 456 1.05 -12.15 -8.32
C VAL B 456 1.73 -12.07 -6.94
N PRO B 457 2.09 -10.86 -6.44
CA PRO B 457 2.76 -10.78 -5.15
C PRO B 457 1.82 -11.03 -3.99
N SER B 458 2.25 -11.93 -3.13
CA SER B 458 1.51 -12.30 -1.94
C SER B 458 2.49 -12.51 -0.80
N TYR B 459 1.99 -12.30 0.41
CA TYR B 459 2.83 -12.43 1.59
C TYR B 459 2.88 -13.86 2.07
N ASP B 460 4.08 -14.41 2.03
CA ASP B 460 4.33 -15.77 2.46
C ASP B 460 5.38 -15.73 3.56
N PRO B 461 5.19 -16.52 4.63
CA PRO B 461 6.17 -16.53 5.72
C PRO B 461 7.62 -16.72 5.29
N LEU B 462 8.53 -16.04 5.96
CA LEU B 462 9.93 -16.11 5.64
C LEU B 462 10.52 -17.51 5.95
N LYS B 463 11.34 -18.03 5.04
CA LYS B 463 12.06 -19.31 5.17
C LYS B 463 13.54 -18.99 5.47
N MET B 464 14.15 -19.66 6.43
CA MET B 464 15.53 -19.38 6.81
C MET B 464 16.55 -19.67 5.70
N ASP B 465 16.36 -20.79 5.01
CA ASP B 465 17.23 -21.25 3.96
C ASP B 465 16.93 -20.67 2.57
N GLU B 466 16.17 -19.58 2.50
CA GLU B 466 15.89 -18.93 1.21
C GLU B 466 16.63 -17.57 1.14
N VAL B 467 17.01 -17.11 -0.08
CA VAL B 467 17.68 -15.82 -0.21
C VAL B 467 16.73 -14.77 -0.68
N TYR B 468 16.86 -13.58 -0.12
CA TYR B 468 16.02 -12.43 -0.42
C TYR B 468 16.83 -11.27 -0.89
N LYS B 469 16.24 -10.47 -1.76
CA LYS B 469 16.97 -9.31 -2.31
C LYS B 469 16.38 -8.03 -1.71
N VAL B 470 16.94 -7.60 -0.58
CA VAL B 470 16.43 -6.46 0.21
C VAL B 470 17.15 -5.18 -0.15
N ILE B 471 16.43 -4.06 -0.25
CA ILE B 471 17.06 -2.77 -0.49
C ILE B 471 17.16 -2.04 0.86
N LEU B 472 18.35 -1.51 1.19
CA LEU B 472 18.53 -0.83 2.47
C LEU B 472 19.62 0.25 2.42
N PRO B 473 19.66 1.21 3.38
CA PRO B 473 20.71 2.23 3.31
C PRO B 473 22.12 1.66 3.41
N ASN B 474 23.11 2.38 2.87
CA ASN B 474 24.51 2.00 2.92
C ASN B 474 24.98 1.84 4.36
N PHE B 475 24.40 2.63 5.32
CA PHE B 475 24.69 2.59 6.76
C PHE B 475 24.43 1.19 7.31
N LEU B 476 23.33 0.55 6.88
CA LEU B 476 23.01 -0.80 7.32
C LEU B 476 23.84 -1.86 6.56
N ALA B 477 24.17 -1.58 5.30
CA ALA B 477 24.97 -2.48 4.49
C ALA B 477 26.41 -2.68 5.02
N ASN B 478 27.07 -1.58 5.42
CA ASN B 478 28.44 -1.59 6.01
C ASN B 478 28.36 -1.85 7.52
N GLY B 479 27.28 -2.50 7.95
CA GLY B 479 27.03 -3.07 9.27
C GLY B 479 26.73 -2.21 10.48
N GLY B 480 26.25 -0.99 10.25
CA GLY B 480 25.92 -0.01 11.29
C GLY B 480 24.80 -0.42 12.22
N ASP B 481 24.58 0.37 13.27
CA ASP B 481 23.56 0.11 14.30
C ASP B 481 23.65 -1.30 14.89
N GLY B 482 24.85 -1.84 14.95
CA GLY B 482 25.08 -3.18 15.49
C GLY B 482 24.59 -4.30 14.61
N PHE B 483 24.13 -3.98 13.39
CA PHE B 483 23.67 -4.98 12.45
C PHE B 483 24.87 -5.58 11.73
N GLN B 484 25.74 -6.23 12.52
CA GLN B 484 26.91 -6.94 12.04
C GLN B 484 26.49 -8.14 11.22
N MET B 485 25.34 -8.78 11.54
CA MET B 485 24.84 -9.91 10.78
C MET B 485 24.60 -9.56 9.30
N ILE B 486 24.13 -8.31 9.02
CA ILE B 486 23.91 -7.86 7.65
C ILE B 486 25.26 -7.84 6.90
N LYS B 487 26.27 -7.16 7.47
CA LYS B 487 27.63 -7.00 6.94
C LYS B 487 28.44 -8.29 6.87
N ASP B 488 28.30 -9.17 7.89
CA ASP B 488 29.07 -10.40 7.95
C ASP B 488 28.33 -11.63 7.40
N GLU B 489 27.06 -11.47 6.87
CA GLU B 489 26.29 -12.61 6.32
C GLU B 489 25.63 -12.35 4.96
N LEU B 490 25.85 -11.16 4.37
CA LEU B 490 25.23 -10.88 3.07
C LEU B 490 25.91 -11.62 1.94
N LEU B 491 25.16 -11.94 0.91
CA LEU B 491 25.68 -12.63 -0.24
C LEU B 491 26.15 -11.69 -1.33
N ARG B 492 25.48 -10.53 -1.46
CA ARG B 492 25.85 -9.57 -2.49
C ARG B 492 25.42 -8.18 -2.09
N HIS B 493 26.29 -7.21 -2.28
CA HIS B 493 25.99 -5.81 -1.99
C HIS B 493 26.16 -5.01 -3.28
N ASP B 494 25.32 -4.00 -3.50
CA ASP B 494 25.36 -3.19 -4.72
C ASP B 494 25.16 -1.71 -4.46
N SER B 495 26.00 -0.86 -5.07
CA SER B 495 25.92 0.60 -4.93
C SER B 495 24.64 1.16 -5.57
N GLY B 496 23.72 1.62 -4.75
CA GLY B 496 22.46 2.18 -5.21
C GLY B 496 22.51 3.68 -5.40
N ASP B 497 21.36 4.30 -5.62
CA ASP B 497 21.27 5.75 -5.83
C ASP B 497 21.27 6.53 -4.51
N GLN B 498 21.53 7.84 -4.59
CA GLN B 498 21.55 8.79 -3.46
C GLN B 498 20.21 8.86 -2.71
N ASP B 499 20.26 8.74 -1.37
CA ASP B 499 19.12 8.74 -0.45
C ASP B 499 18.03 9.77 -0.73
N ILE B 500 18.40 11.07 -0.82
CA ILE B 500 17.48 12.17 -1.04
C ILE B 500 16.88 12.06 -2.41
N ASN B 501 17.72 11.83 -3.42
CA ASN B 501 17.24 11.79 -4.80
C ASN B 501 16.29 10.62 -5.06
N VAL B 502 16.32 9.55 -4.24
CA VAL B 502 15.36 8.45 -4.36
C VAL B 502 13.96 8.96 -3.90
N VAL B 503 13.93 9.73 -2.81
CA VAL B 503 12.69 10.28 -2.29
C VAL B 503 12.22 11.49 -3.12
N SER B 504 13.16 12.28 -3.66
CA SER B 504 12.89 13.45 -4.50
C SER B 504 12.26 13.04 -5.83
N THR B 505 12.83 12.01 -6.49
CA THR B 505 12.29 11.51 -7.76
C THR B 505 10.92 10.87 -7.54
N TYR B 506 10.73 10.19 -6.40
CA TYR B 506 9.49 9.52 -6.08
C TYR B 506 8.36 10.51 -5.80
N ILE B 507 8.67 11.56 -5.03
CA ILE B 507 7.68 12.56 -4.66
C ILE B 507 7.16 13.29 -5.92
N SER B 508 8.07 13.67 -6.83
CA SER B 508 7.73 14.37 -8.08
C SER B 508 6.86 13.50 -8.97
N LYS B 509 7.19 12.19 -9.01
CA LYS B 509 6.46 11.19 -9.79
C LYS B 509 5.05 11.02 -9.23
N MET B 510 4.90 11.06 -7.90
CA MET B 510 3.60 10.86 -7.27
C MET B 510 2.72 12.11 -7.25
N LYS B 511 3.34 13.30 -7.30
CA LYS B 511 2.70 14.64 -7.27
C LYS B 511 2.06 14.97 -5.90
N VAL B 512 1.11 14.14 -5.41
CA VAL B 512 0.50 14.28 -4.10
C VAL B 512 0.59 12.93 -3.37
N ILE B 513 1.30 12.91 -2.22
CA ILE B 513 1.52 11.71 -1.42
C ILE B 513 0.65 11.66 -0.18
N TYR B 514 0.44 10.46 0.36
CA TYR B 514 -0.39 10.23 1.55
C TYR B 514 -0.11 8.87 2.24
N PRO B 515 1.16 8.56 2.64
CA PRO B 515 1.43 7.29 3.33
C PRO B 515 0.59 7.04 4.57
N ALA B 516 0.46 5.79 5.01
CA ALA B 516 -0.34 5.47 6.19
C ALA B 516 0.27 4.37 7.04
N VAL B 517 -0.10 4.31 8.34
CA VAL B 517 0.31 3.24 9.24
C VAL B 517 -0.71 2.15 8.86
N GLU B 518 -0.27 1.20 8.02
CA GLU B 518 -1.17 0.21 7.49
C GLU B 518 -0.98 -1.19 8.06
N GLY B 519 -0.29 -1.33 9.18
CA GLY B 519 -0.10 -2.63 9.80
C GLY B 519 1.12 -3.41 9.39
N ARG B 520 2.13 -2.77 8.77
CA ARG B 520 3.37 -3.43 8.33
C ARG B 520 4.13 -3.99 9.51
N ILE B 521 4.15 -3.24 10.63
CA ILE B 521 4.77 -3.65 11.89
C ILE B 521 3.68 -3.74 12.95
N LYS B 522 3.57 -4.91 13.60
CA LYS B 522 2.52 -5.15 14.58
C LYS B 522 3.07 -5.72 15.88
N PHE B 523 2.27 -5.66 16.95
CA PHE B 523 2.69 -6.13 18.26
C PHE B 523 1.58 -6.88 18.98
N SER B 524 1.95 -7.98 19.65
CA SER B 524 1.08 -8.80 20.51
C SER B 524 0.56 -7.97 21.74
ZN ZN C . -22.42 -14.31 -18.63
ZN ZN D . -25.93 -13.75 -17.63
N1 A1IT6 E . -30.58 -1.58 -14.15
C2 A1IT6 E . -29.92 0.08 -15.45
N3 A1IT6 E . -23.50 -3.01 -14.72
C4 A1IT6 E . -28.36 -1.95 -15.20
O5 A1IT6 E . -22.62 -12.70 -17.13
C6 A1IT6 E . -26.58 -3.34 -14.37
N7 A1IT6 E . -22.37 -7.08 -12.73
C10 A1IT6 E . -24.43 -3.66 -15.65
C12 A1IT6 E . -24.13 -0.83 -13.69
C13 A1IT6 E . -24.34 0.62 -14.00
C14 A1IT6 E . -22.78 -3.76 -13.80
C15 A1IT6 E . -21.12 -3.84 -12.25
C16 A1IT6 E . -22.07 -5.74 -12.72
C17 A1IT6 E . -22.95 -5.15 -13.62
C18 A1IT6 E . -23.40 -7.23 -13.62
C21 A1IT6 E . -22.39 -11.64 -12.26
C22 A1IT6 E . -23.32 -13.40 -14.63
C23 A1IT6 E . -22.70 -9.79 -10.54
C24 A1IT6 E . -22.31 -8.31 -10.55
O4 A1IT6 E . -25.02 -12.30 -16.48
P1 A1IT6 E . -23.60 -12.28 -16.01
O6 A1IT6 E . -23.22 -10.88 -15.49
P A1IT6 E . -21.64 -13.49 -14.01
O2 A1IT6 E . -20.54 -13.79 -15.00
O3 A1IT6 E . -21.61 -14.63 -12.94
O1 A1IT6 E . -21.46 -12.12 -13.27
C20 A1IT6 E . -21.84 -10.39 -11.64
O A1IT6 E . -21.77 -9.34 -12.63
O7 A1IT6 E . -22.47 -10.42 -9.28
O8 A1IT6 E . -21.38 -7.92 -9.55
C19 A1IT6 E . -21.70 -8.11 -11.95
N5 A1IT6 E . -21.14 -5.13 -11.99
CL A1IT6 E . -20.05 -2.92 -11.23
N4 A1IT6 E . -21.85 -3.13 -13.09
N6 A1IT6 E . -23.79 -6.11 -14.17
C11 A1IT6 E . -23.39 -1.55 -14.80
C7 A1IT6 E . -25.86 -3.18 -15.55
C5 A1IT6 E . -27.81 -2.73 -14.20
C8 A1IT6 E . -26.43 -2.44 -16.58
C9 A1IT6 E . -27.67 -1.83 -16.40
C3 A1IT6 E . -29.57 -1.16 -14.96
N2 A1IT6 E . -31.53 -0.66 -14.11
N A1IT6 E . -31.12 0.35 -14.90
C1 A1IT6 E . -31.93 1.56 -15.06
C A1IT6 E . -31.39 2.75 -14.15
F A1IT6 E . -32.33 3.81 -14.20
ZN ZN F . 22.23 13.97 18.93
ZN ZN G . 25.39 12.17 19.35
N1 A1IT6 H . 31.79 5.51 9.29
C2 A1IT6 H . 31.99 6.62 7.39
N3 A1IT6 H . 25.14 8.17 8.56
C4 A1IT6 H . 30.03 7.22 8.95
O5 A1IT6 H . 24.57 11.05 17.69
C6 A1IT6 H . 28.53 9.10 8.72
N7 A1IT6 H . 22.40 7.36 12.26
C10 A1IT6 H . 26.10 8.94 9.35
C12 A1IT6 H . 25.95 6.61 6.79
C13 A1IT6 H . 26.60 6.57 5.47
C14 A1IT6 H . 24.00 7.64 9.15
C15 A1IT6 H . 21.98 6.61 8.85
C16 A1IT6 H . 22.48 7.17 10.90
C17 A1IT6 H . 23.72 7.68 10.53
C18 A1IT6 H . 23.57 7.95 12.63
C21 A1IT6 H . 21.06 7.76 16.64
C22 A1IT6 H . 22.18 10.06 18.34
C23 A1IT6 H . 21.29 5.70 15.15
C24 A1IT6 H . 21.34 5.54 13.62
O4 A1IT6 H . 22.57 12.51 17.18
P1 A1IT6 H . 23.10 11.12 17.24
O6 A1IT6 H . 23.03 10.44 15.85
P A1IT6 H . 20.42 9.95 17.98
O2 A1IT6 H . 19.64 11.23 17.84
O3 A1IT6 H . 19.76 9.14 19.15
O1 A1IT6 H . 20.41 9.04 16.70
C20 A1IT6 H . 20.70 7.09 15.34
O A1IT6 H . 21.23 7.84 14.23
O7 A1IT6 H . 20.52 4.70 15.80
O8 A1IT6 H . 20.27 4.78 13.06
C19 A1IT6 H . 21.27 6.98 13.11
N5 A1IT6 H . 21.57 6.62 10.11
CL A1IT6 H . 20.95 5.77 7.75
N4 A1IT6 H . 23.09 7.09 8.32
N6 A1IT6 H . 24.41 8.15 11.64
C11 A1IT6 H . 25.46 7.99 7.13
C7 A1IT6 H . 27.51 8.39 9.33
C5 A1IT6 H . 29.77 8.52 8.52
C8 A1IT6 H . 27.79 7.12 9.82
C9 A1IT6 H . 29.03 6.54 9.63
C3 A1IT6 H . 31.28 6.53 8.55
N2 A1IT6 H . 32.78 4.96 8.63
N A1IT6 H . 32.89 5.62 7.47
C1 A1IT6 H . 33.87 5.21 6.46
C A1IT6 H . 33.20 4.42 5.27
F A1IT6 H . 34.20 3.91 4.44
#